data_4R40
#
_entry.id   4R40
#
_cell.length_a   47.389
_cell.length_b   175.252
_cell.length_c   66.268
_cell.angle_alpha   90.00
_cell.angle_beta   89.83
_cell.angle_gamma   90.00
#
_symmetry.space_group_name_H-M   'P 1 21 1'
#
loop_
_entity.id
_entity.type
_entity.pdbx_description
1 polymer 'Protein TolB'
2 polymer 'Peptidoglycan-associated lipoprotein'
3 non-polymer 'SULFATE ION'
4 non-polymer 'FORMIC ACID'
5 non-polymer GLYCEROL
6 water water
#
loop_
_entity_poly.entity_id
_entity_poly.type
_entity_poly.pdbx_seq_one_letter_code
_entity_poly.pdbx_strand_id
1 'polypeptide(L)'
;SNAVRIEITQGVDSARPIGVVPFKW(MSE)GPGTPPEEIGAIVGADLRNSGKFNPIDAAR(MSE)PQQPSTAAEVTPAAW
TALGIDAVVVGQVQPSADGSYVVSYQLVDTSGSAGSILAQNQYKVTKQWLRYSAHTVSDEVFEKLTGIKGAFRTRIAYVV
KTNGGKFPHELRVSDYDGYNQFVVHRSPEPL(MSE)SPAWSPDGSKIAYVTFESGKSALVIQTLANGAIRQVASFPRHNG
APAFSPDGTKLAFALSKSGSLNLYV(MSE)DLASGQISQVTDGRSNNTEPSWFPDSQNLAYTSDQGGRPQVYKVNINGGV
PQRITWEGSQNQNADVSPDGKFLVLVSSNGGAQHIAKQDLETGAVQVLTDTLLDETPSIAPNGT(MSE)VIYSSTQGLGS
VLQLVSTDGRFKARLPATDGQVKFPAWSPYL
;
A,C
2 'polypeptide(L)'
;SNADQSG(MSE)GAGTGTENGSNLSSEEQARLQ(MSE)QELQKNNIVYFGFDKYDIGSDFAQ(MSE)LDAHAAFLRSNPS
DKVVVEGHADERGTPEYNIALGERRASAVK(MSE)YLQGKGVSADQISIVSYGKEKPAVLGHDEAAFAKNRRAVLVY
;
B,D
#
# COMPACT_ATOMS: atom_id res chain seq x y z
N VAL A 4 -12.40 23.34 43.60
CA VAL A 4 -12.01 22.09 44.23
C VAL A 4 -10.83 21.42 43.51
N ARG A 5 -9.82 21.05 44.29
CA ARG A 5 -8.55 20.52 43.78
C ARG A 5 -8.58 19.10 43.26
N ILE A 6 -7.59 18.79 42.42
CA ILE A 6 -7.28 17.45 41.95
C ILE A 6 -7.59 16.43 43.04
N GLU A 7 -8.02 15.26 42.60
CA GLU A 7 -8.35 14.15 43.46
C GLU A 7 -7.25 13.11 43.45
N ILE A 8 -6.70 12.84 44.63
CA ILE A 8 -5.72 11.78 44.77
C ILE A 8 -6.46 10.48 45.01
N THR A 9 -6.25 9.53 44.13
CA THR A 9 -6.82 8.20 44.34
C THR A 9 -5.91 7.35 45.22
N GLN A 10 -4.61 7.35 44.90
CA GLN A 10 -3.64 6.58 45.66
C GLN A 10 -2.51 7.47 46.18
N GLY A 11 -2.58 7.82 47.47
CA GLY A 11 -1.55 8.64 48.08
C GLY A 11 -0.36 7.83 48.53
N VAL A 12 0.83 8.40 48.38
CA VAL A 12 2.05 7.75 48.84
C VAL A 12 2.34 8.16 50.28
N ASP A 13 2.17 7.21 51.19
CA ASP A 13 2.27 7.49 52.62
C ASP A 13 3.69 7.78 53.06
N SER A 14 4.66 7.39 52.24
CA SER A 14 6.07 7.53 52.58
C SER A 14 6.62 8.88 52.12
N ALA A 15 5.75 9.73 51.59
CA ALA A 15 6.15 11.03 51.07
C ALA A 15 6.89 11.88 52.11
N ARG A 16 7.85 12.65 51.64
CA ARG A 16 8.66 13.51 52.50
C ARG A 16 7.84 14.63 53.13
N PRO A 17 7.81 14.65 54.46
CA PRO A 17 7.07 15.69 55.18
C PRO A 17 7.62 17.08 54.96
N ILE A 18 6.73 18.00 54.66
CA ILE A 18 7.09 19.38 54.50
C ILE A 18 6.00 20.23 55.13
N GLY A 19 6.37 21.40 55.62
CA GLY A 19 5.39 22.29 56.15
C GLY A 19 5.31 23.55 55.34
N VAL A 20 4.16 23.79 54.75
CA VAL A 20 3.91 25.02 54.04
C VAL A 20 2.93 25.80 54.88
N VAL A 21 3.28 27.04 55.19
CA VAL A 21 2.52 27.83 56.09
C VAL A 21 1.68 28.84 55.33
N PRO A 22 0.46 29.08 55.77
CA PRO A 22 -0.36 30.05 55.06
C PRO A 22 0.36 31.37 55.04
N PHE A 23 0.45 31.94 53.84
CA PHE A 23 1.17 33.17 53.63
C PHE A 23 0.48 34.30 54.39
N LYS A 24 1.27 35.22 54.92
CA LYS A 24 0.71 36.35 55.67
C LYS A 24 0.18 37.42 54.74
N TRP A 25 -1.15 37.49 54.62
CA TRP A 25 -1.79 38.52 53.82
C TRP A 25 -1.78 39.85 54.57
N GLY A 27 -3.14 42.74 54.95
CA GLY A 27 -4.30 43.59 54.72
C GLY A 27 -5.60 43.07 55.30
N PRO A 28 -6.67 43.87 55.18
CA PRO A 28 -8.00 43.53 55.68
C PRO A 28 -8.68 42.46 54.83
N GLY A 29 -9.66 41.76 55.41
CA GLY A 29 -10.39 40.74 54.70
C GLY A 29 -9.51 39.61 54.19
N THR A 30 -9.75 39.20 52.96
CA THR A 30 -9.05 38.06 52.39
C THR A 30 -8.34 38.40 51.08
N PRO A 31 -7.21 37.73 50.81
CA PRO A 31 -6.57 37.84 49.49
C PRO A 31 -7.36 37.03 48.46
N PRO A 32 -7.25 37.41 47.19
CA PRO A 32 -7.99 36.72 46.14
C PRO A 32 -7.55 35.28 46.05
N GLU A 33 -6.25 35.06 46.15
CA GLU A 33 -5.71 33.71 46.12
C GLU A 33 -4.90 33.51 47.38
N GLU A 34 -4.86 32.28 47.85
CA GLU A 34 -3.98 31.91 48.95
C GLU A 34 -2.82 31.06 48.44
N ILE A 35 -1.62 31.64 48.46
CA ILE A 35 -0.45 30.96 47.92
C ILE A 35 -0.06 29.69 48.67
N GLY A 36 -0.17 29.75 49.99
CA GLY A 36 0.15 28.64 50.87
C GLY A 36 -0.74 27.42 50.65
N ALA A 37 -1.97 27.66 50.23
CA ALA A 37 -2.91 26.58 49.94
C ALA A 37 -2.58 25.91 48.62
N ILE A 38 -2.09 26.69 47.67
CA ILE A 38 -1.75 26.19 46.34
C ILE A 38 -0.39 25.50 46.32
N VAL A 39 0.60 26.14 46.91
CA VAL A 39 1.96 25.59 46.97
C VAL A 39 1.97 24.27 47.72
N GLY A 40 1.18 24.19 48.79
CA GLY A 40 1.06 22.96 49.56
C GLY A 40 0.48 21.84 48.72
N ALA A 41 -0.60 22.15 48.00
CA ALA A 41 -1.25 21.16 47.14
C ALA A 41 -0.31 20.68 46.03
N ASP A 42 0.44 21.62 45.45
CA ASP A 42 1.38 21.32 44.39
C ASP A 42 2.39 20.25 44.79
N LEU A 43 2.88 20.34 46.03
CA LEU A 43 3.87 19.38 46.51
C LEU A 43 3.20 18.05 46.82
N ARG A 44 1.93 18.10 47.21
CA ARG A 44 1.14 16.88 47.37
C ARG A 44 0.75 16.36 45.99
N ASN A 45 0.53 17.27 45.06
CA ASN A 45 0.26 16.90 43.67
C ASN A 45 1.44 16.15 43.04
N SER A 46 2.65 16.60 43.36
CA SER A 46 3.86 16.00 42.81
C SER A 46 4.01 14.55 43.28
N GLY A 47 3.48 14.26 44.47
CA GLY A 47 3.56 12.93 45.03
C GLY A 47 4.92 12.67 45.65
N LYS A 48 5.70 13.73 45.80
CA LYS A 48 7.03 13.62 46.39
C LYS A 48 7.01 14.09 47.83
N PHE A 49 6.08 14.98 48.15
CA PHE A 49 6.02 15.58 49.48
C PHE A 49 4.71 15.27 50.20
N ASN A 50 4.74 15.42 51.53
CA ASN A 50 3.55 15.24 52.37
C ASN A 50 3.30 16.48 53.21
N PRO A 51 2.75 17.53 52.59
CA PRO A 51 2.42 18.76 53.33
C PRO A 51 1.36 18.52 54.38
N ILE A 52 1.60 18.94 55.62
CA ILE A 52 0.67 18.68 56.70
C ILE A 52 -0.22 19.89 56.98
N ASP A 53 -1.40 19.64 57.55
CA ASP A 53 -2.39 20.69 57.80
C ASP A 53 -1.98 21.64 58.93
N ALA A 54 -2.69 22.75 59.03
CA ALA A 54 -2.36 23.80 59.99
C ALA A 54 -2.57 23.37 61.43
N ALA A 55 -3.45 22.40 61.64
CA ALA A 55 -3.76 21.92 62.99
C ALA A 55 -2.54 21.31 63.66
N ARG A 56 -1.69 20.68 62.86
CA ARG A 56 -0.53 19.97 63.38
C ARG A 56 0.74 20.80 63.29
N PRO A 58 3.26 23.52 64.66
CA PRO A 58 3.62 24.09 65.96
C PRO A 58 3.55 25.61 65.93
N GLN A 59 3.67 26.19 64.74
CA GLN A 59 3.65 27.64 64.57
C GLN A 59 3.26 28.04 63.16
N GLN A 60 2.88 29.30 62.99
CA GLN A 60 2.56 29.86 61.68
C GLN A 60 3.25 31.19 61.44
N PRO A 61 4.56 31.18 61.23
CA PRO A 61 5.34 32.41 61.06
C PRO A 61 5.34 32.93 59.63
N SER A 62 5.62 34.22 59.47
CA SER A 62 5.66 34.83 58.14
C SER A 62 7.08 34.91 57.60
N THR A 63 8.02 35.23 58.48
CA THR A 63 9.41 35.39 58.08
C THR A 63 10.29 34.31 58.72
N ALA A 64 11.50 34.14 58.19
CA ALA A 64 12.41 33.10 58.66
C ALA A 64 13.05 33.43 60.01
N ALA A 65 12.66 34.56 60.59
CA ALA A 65 13.21 34.99 61.87
C ALA A 65 12.33 34.56 63.04
N GLU A 66 11.16 34.01 62.73
CA GLU A 66 10.23 33.56 63.76
C GLU A 66 10.15 32.04 63.78
N VAL A 67 11.19 31.38 63.28
CA VAL A 67 11.17 29.93 63.12
C VAL A 67 11.79 29.20 64.31
N THR A 68 11.09 28.16 64.76
CA THR A 68 11.58 27.30 65.84
C THR A 68 11.91 25.90 65.32
N PRO A 69 13.18 25.68 64.94
CA PRO A 69 13.66 24.44 64.30
C PRO A 69 13.28 23.18 65.04
N ALA A 70 13.46 23.18 66.36
CA ALA A 70 13.17 22.00 67.18
C ALA A 70 11.70 21.60 67.08
N ALA A 71 10.83 22.60 66.96
CA ALA A 71 9.39 22.36 66.86
C ALA A 71 9.03 21.72 65.52
N TRP A 72 9.95 21.75 64.57
CA TRP A 72 9.69 21.20 63.24
C TRP A 72 10.33 19.83 63.03
N THR A 73 11.60 19.70 63.42
CA THR A 73 12.32 18.44 63.26
C THR A 73 11.74 17.35 64.15
N ALA A 74 11.00 17.76 65.17
CA ALA A 74 10.28 16.82 66.02
C ALA A 74 9.16 16.15 65.23
N LEU A 75 8.57 16.90 64.32
CA LEU A 75 7.54 16.37 63.43
C LEU A 75 8.17 15.60 62.29
N GLY A 76 9.46 15.76 62.11
CA GLY A 76 10.15 15.18 60.98
C GLY A 76 10.14 16.07 59.76
N ILE A 77 9.71 17.31 59.94
CA ILE A 77 9.77 18.25 58.84
C ILE A 77 11.13 18.92 58.89
N ASP A 78 11.84 18.85 57.78
CA ASP A 78 13.21 19.28 57.70
C ASP A 78 13.34 20.67 57.08
N ALA A 79 12.23 21.20 56.60
CA ALA A 79 12.24 22.52 55.99
C ALA A 79 10.87 23.19 56.05
N VAL A 80 10.85 24.50 56.05
CA VAL A 80 9.60 25.22 56.11
C VAL A 80 9.48 26.28 55.04
N VAL A 81 8.28 26.39 54.46
CA VAL A 81 8.04 27.44 53.49
C VAL A 81 7.17 28.55 54.10
N VAL A 82 7.78 29.70 54.34
CA VAL A 82 7.05 30.86 54.82
C VAL A 82 6.88 31.89 53.72
N GLY A 83 5.86 32.74 53.84
CA GLY A 83 5.60 33.71 52.79
C GLY A 83 4.83 34.94 53.22
N GLN A 84 4.39 35.72 52.24
CA GLN A 84 3.69 36.98 52.49
C GLN A 84 3.03 37.48 51.21
N VAL A 85 1.96 38.25 51.35
CA VAL A 85 1.31 38.87 50.20
C VAL A 85 1.08 40.36 50.45
N GLN A 86 1.81 41.19 49.72
CA GLN A 86 1.68 42.64 49.87
C GLN A 86 1.06 43.27 48.63
N PRO A 87 -0.06 43.98 48.81
CA PRO A 87 -0.77 44.60 47.69
C PRO A 87 -0.10 45.88 47.22
N SER A 88 -0.23 46.17 45.92
CA SER A 88 0.15 47.47 45.40
C SER A 88 -1.08 48.37 45.38
N ALA A 89 -0.95 49.55 44.79
CA ALA A 89 -2.08 50.46 44.67
C ALA A 89 -2.68 50.37 43.27
N ASP A 90 -2.37 49.30 42.56
CA ASP A 90 -2.82 49.14 41.17
C ASP A 90 -3.74 47.93 41.01
N GLY A 91 -4.03 47.26 42.11
CA GLY A 91 -4.76 46.01 42.04
C GLY A 91 -3.81 44.87 41.73
N SER A 92 -2.52 45.19 41.64
CA SER A 92 -1.49 44.17 41.50
C SER A 92 -0.92 43.90 42.88
N TYR A 93 -0.24 42.77 43.04
CA TYR A 93 0.21 42.36 44.36
C TYR A 93 1.65 41.84 44.36
N VAL A 94 2.31 41.99 45.50
CA VAL A 94 3.67 41.50 45.66
C VAL A 94 3.67 40.22 46.48
N VAL A 95 4.23 39.16 45.91
CA VAL A 95 4.34 37.88 46.59
C VAL A 95 5.76 37.69 47.12
N SER A 96 5.87 37.22 48.35
CA SER A 96 7.17 36.97 48.97
C SER A 96 7.21 35.56 49.53
N TYR A 97 8.36 34.90 49.47
CA TYR A 97 8.50 33.56 50.03
C TYR A 97 9.93 33.27 50.48
N GLN A 98 10.06 32.31 51.40
CA GLN A 98 11.35 31.85 51.89
C GLN A 98 11.34 30.35 52.17
N LEU A 99 12.40 29.65 51.77
CA LEU A 99 12.57 28.25 52.11
C LEU A 99 13.51 28.14 53.31
N VAL A 100 13.01 27.59 54.41
CA VAL A 100 13.73 27.64 55.66
C VAL A 100 14.17 26.28 56.19
N ASP A 101 15.46 26.14 56.39
CA ASP A 101 16.02 24.88 56.88
C ASP A 101 15.96 24.80 58.40
N THR A 102 15.37 23.74 58.91
CA THR A 102 15.21 23.55 60.34
C THR A 102 16.19 22.58 61.03
N SER A 103 17.16 22.09 60.28
CA SER A 103 18.12 21.11 60.79
C SER A 103 19.40 21.69 61.44
N GLY A 104 19.24 22.43 62.51
CA GLY A 104 20.38 23.09 63.12
C GLY A 104 20.06 24.16 64.12
N SER A 105 21.10 24.87 64.54
CA SER A 105 20.98 25.95 65.51
C SER A 105 20.17 27.13 64.97
N ALA A 106 20.38 27.47 63.71
CA ALA A 106 19.67 28.58 63.09
C ALA A 106 18.72 28.13 62.00
N GLY A 107 17.60 28.84 61.86
CA GLY A 107 16.67 28.59 60.78
C GLY A 107 17.21 29.15 59.48
N SER A 108 17.95 28.31 58.75
CA SER A 108 18.66 28.76 57.56
C SER A 108 17.78 28.84 56.32
N ILE A 109 18.00 29.88 55.52
CA ILE A 109 17.26 30.07 54.29
C ILE A 109 17.96 29.37 53.12
N LEU A 110 17.21 28.55 52.40
CA LEU A 110 17.74 27.90 51.22
C LEU A 110 17.40 28.67 49.96
N ALA A 111 16.20 29.27 49.93
CA ALA A 111 15.76 30.05 48.79
C ALA A 111 14.95 31.27 49.17
N GLN A 112 15.12 32.35 48.42
CA GLN A 112 14.32 33.57 48.59
C GLN A 112 13.88 34.17 47.26
N ASN A 113 12.62 34.55 47.16
CA ASN A 113 12.20 35.39 46.05
C ASN A 113 10.94 36.22 46.23
N GLN A 114 10.87 37.32 45.50
CA GLN A 114 9.76 38.25 45.57
C GLN A 114 9.20 38.42 44.16
N TYR A 115 7.87 38.36 44.03
CA TYR A 115 7.21 38.51 42.75
C TYR A 115 6.09 39.54 42.81
N LYS A 116 6.01 40.39 41.80
CA LYS A 116 4.92 41.36 41.71
C LYS A 116 4.01 41.06 40.54
N VAL A 117 2.76 40.72 40.84
CA VAL A 117 1.82 40.26 39.83
C VAL A 117 0.45 40.94 39.96
N THR A 118 -0.30 40.96 38.86
CA THR A 118 -1.68 41.41 38.89
C THR A 118 -2.57 40.24 39.29
N LYS A 119 -3.81 40.53 39.69
CA LYS A 119 -4.70 39.52 40.25
C LYS A 119 -4.85 38.27 39.37
N GLN A 120 -4.76 38.43 38.07
CA GLN A 120 -4.91 37.35 37.11
C GLN A 120 -3.84 36.29 37.28
N TRP A 121 -2.63 36.76 37.57
CA TRP A 121 -1.44 35.94 37.53
C TRP A 121 -1.03 35.46 38.91
N LEU A 122 -1.94 35.54 39.86
CA LEU A 122 -1.69 35.10 41.23
C LEU A 122 -1.40 33.61 41.40
N ARG A 123 -2.11 32.77 40.66
CA ARG A 123 -1.88 31.33 40.72
C ARG A 123 -0.51 30.98 40.15
N TYR A 124 -0.10 31.72 39.12
CA TYR A 124 1.20 31.53 38.50
C TYR A 124 2.32 31.80 39.51
N SER A 125 2.06 32.72 40.43
CA SER A 125 3.02 33.06 41.46
C SER A 125 3.27 31.88 42.39
N ALA A 126 2.20 31.24 42.82
CA ALA A 126 2.30 30.05 43.66
C ALA A 126 3.01 28.95 42.88
N HIS A 127 2.71 28.84 41.60
CA HIS A 127 3.38 27.92 40.70
C HIS A 127 4.84 28.29 40.58
N THR A 128 5.12 29.58 40.56
CA THR A 128 6.49 30.07 40.40
C THR A 128 7.32 29.76 41.64
N VAL A 129 6.71 29.97 42.81
CA VAL A 129 7.34 29.62 44.07
C VAL A 129 7.63 28.12 44.14
N SER A 130 6.63 27.34 43.71
CA SER A 130 6.70 25.89 43.78
C SER A 130 7.81 25.33 42.89
N ASP A 131 7.95 25.89 41.69
CA ASP A 131 8.95 25.44 40.72
C ASP A 131 10.36 25.61 41.27
N GLU A 132 10.55 26.58 42.16
CA GLU A 132 11.85 26.84 42.76
C GLU A 132 12.08 25.95 43.98
N VAL A 133 11.13 25.93 44.90
CA VAL A 133 11.23 25.15 46.12
C VAL A 133 11.39 23.65 45.83
N PHE A 134 10.52 23.13 44.98
CA PHE A 134 10.59 21.73 44.54
C PHE A 134 11.96 21.43 43.94
N GLU A 135 12.40 22.29 43.03
CA GLU A 135 13.68 22.14 42.37
C GLU A 135 14.83 22.28 43.35
N LYS A 136 14.69 23.20 44.31
CA LYS A 136 15.73 23.43 45.30
C LYS A 136 15.93 22.21 46.18
N LEU A 137 14.84 21.59 46.58
CA LEU A 137 14.90 20.44 47.49
C LEU A 137 15.32 19.16 46.75
N THR A 138 14.74 18.93 45.59
CA THR A 138 14.94 17.68 44.86
C THR A 138 16.13 17.75 43.89
N GLY A 139 16.34 18.91 43.28
CA GLY A 139 17.34 19.05 42.24
C GLY A 139 16.71 18.86 40.89
N ILE A 140 15.44 18.44 40.90
CA ILE A 140 14.69 18.21 39.68
C ILE A 140 13.74 19.37 39.41
N LYS A 141 13.81 19.91 38.19
CA LYS A 141 13.00 21.05 37.79
C LYS A 141 11.50 20.75 37.90
N GLY A 142 10.78 21.66 38.55
CA GLY A 142 9.35 21.52 38.71
C GLY A 142 8.59 21.84 37.42
N ALA A 143 7.38 21.32 37.32
CA ALA A 143 6.55 21.54 36.13
C ALA A 143 5.17 22.05 36.50
N PHE A 144 5.10 22.91 37.51
CA PHE A 144 3.81 23.45 37.97
C PHE A 144 3.36 24.64 37.12
N ARG A 145 4.30 25.33 36.50
CA ARG A 145 3.95 26.43 35.60
C ARG A 145 3.72 25.90 34.18
N THR A 146 3.45 24.61 34.07
CA THR A 146 3.13 24.00 32.79
C THR A 146 1.62 23.99 32.58
N ARG A 147 1.20 23.48 31.42
CA ARG A 147 -0.21 23.40 31.08
C ARG A 147 -0.58 22.02 30.57
N ILE A 148 -1.88 21.77 30.45
CA ILE A 148 -2.36 20.59 29.77
C ILE A 148 -3.37 21.01 28.69
N ALA A 149 -3.35 20.30 27.58
CA ALA A 149 -4.31 20.55 26.50
C ALA A 149 -5.15 19.31 26.27
N TYR A 150 -6.46 19.47 26.29
CA TYR A 150 -7.37 18.34 26.18
C TYR A 150 -8.53 18.61 25.26
N VAL A 151 -9.29 17.57 24.94
CA VAL A 151 -10.47 17.68 24.12
C VAL A 151 -11.70 17.27 24.93
N VAL A 152 -12.76 18.07 24.87
CA VAL A 152 -13.98 17.79 25.62
C VAL A 152 -15.16 17.52 24.69
N LYS A 153 -15.85 16.40 24.91
CA LYS A 153 -17.01 16.04 24.12
C LYS A 153 -18.29 16.19 24.92
N THR A 154 -19.03 17.26 24.63
CA THR A 154 -20.37 17.43 25.18
C THR A 154 -21.34 16.67 24.27
N ASN A 155 -22.39 16.10 24.85
CA ASN A 155 -23.32 15.29 24.07
C ASN A 155 -24.45 16.11 23.44
N GLY A 156 -24.21 17.40 23.25
CA GLY A 156 -25.21 18.27 22.67
C GLY A 156 -24.68 19.62 22.22
N GLY A 157 -25.60 20.50 21.82
CA GLY A 157 -25.24 21.83 21.37
C GLY A 157 -24.76 21.84 19.93
N LYS A 158 -24.59 23.05 19.38
CA LYS A 158 -24.09 23.19 18.03
C LYS A 158 -22.62 22.76 17.94
N PHE A 159 -21.89 23.04 19.00
CA PHE A 159 -20.47 22.69 19.06
C PHE A 159 -20.18 21.75 20.22
N PRO A 160 -20.25 20.44 19.97
CA PRO A 160 -20.01 19.40 20.98
C PRO A 160 -18.53 19.09 21.19
N HIS A 161 -17.71 19.38 20.19
CA HIS A 161 -16.28 19.09 20.24
C HIS A 161 -15.46 20.34 20.54
N GLU A 162 -14.70 20.31 21.63
CA GLU A 162 -13.88 21.45 22.01
C GLU A 162 -12.47 21.06 22.41
N LEU A 163 -11.49 21.66 21.74
CA LEU A 163 -10.10 21.59 22.18
C LEU A 163 -9.86 22.68 23.23
N ARG A 164 -9.45 22.27 24.43
CA ARG A 164 -9.27 23.24 25.51
C ARG A 164 -7.87 23.20 26.10
N VAL A 165 -7.57 24.21 26.91
CA VAL A 165 -6.31 24.32 27.63
C VAL A 165 -6.59 24.93 29.01
N SER A 166 -5.93 24.40 30.03
CA SER A 166 -5.99 24.99 31.36
C SER A 166 -4.58 25.00 31.95
N ASP A 167 -4.45 25.43 33.20
CA ASP A 167 -3.22 25.19 33.94
C ASP A 167 -3.12 23.69 34.18
N TYR A 168 -1.96 23.22 34.60
CA TYR A 168 -1.75 21.79 34.78
C TYR A 168 -2.75 21.19 35.78
N ASP A 169 -3.26 22.02 36.68
CA ASP A 169 -4.18 21.55 37.72
C ASP A 169 -5.65 21.79 37.38
N GLY A 170 -5.91 22.28 36.17
CA GLY A 170 -7.28 22.44 35.70
C GLY A 170 -7.84 23.84 35.80
N TYR A 171 -7.14 24.71 36.50
CA TYR A 171 -7.52 26.12 36.62
C TYR A 171 -7.08 26.94 35.42
N ASN A 172 -7.65 28.11 35.27
CA ASN A 172 -7.40 28.93 34.10
C ASN A 172 -7.80 28.26 32.79
N GLN A 173 -8.90 27.52 32.81
CA GLN A 173 -9.38 26.79 31.64
C GLN A 173 -9.92 27.75 30.59
N PHE A 174 -9.57 27.51 29.32
CA PHE A 174 -10.14 28.26 28.22
C PHE A 174 -10.18 27.42 26.95
N VAL A 175 -11.13 27.73 26.07
CA VAL A 175 -11.34 26.96 24.85
C VAL A 175 -10.42 27.43 23.72
N VAL A 176 -9.79 26.49 23.04
CA VAL A 176 -8.92 26.81 21.91
C VAL A 176 -9.69 26.71 20.59
N HIS A 177 -10.48 25.65 20.45
CA HIS A 177 -11.24 25.44 19.23
C HIS A 177 -12.59 24.77 19.50
N ARG A 178 -13.64 25.29 18.85
CA ARG A 178 -14.97 24.70 18.93
C ARG A 178 -15.39 24.17 17.57
N SER A 179 -15.64 22.87 17.48
CA SER A 179 -15.95 22.26 16.20
C SER A 179 -17.22 21.41 16.27
N PRO A 180 -18.06 21.51 15.23
CA PRO A 180 -19.27 20.67 15.10
C PRO A 180 -18.89 19.22 14.87
N GLU A 181 -17.69 19.03 14.34
CA GLU A 181 -17.13 17.72 14.07
C GLU A 181 -15.91 17.42 14.92
N PRO A 182 -15.58 16.07 15.03
CA PRO A 182 -14.52 15.79 16.01
C PRO A 182 -13.13 16.37 15.79
N LEU A 183 -12.44 16.54 16.92
CA LEU A 183 -11.05 16.95 16.98
C LEU A 183 -10.22 15.81 17.55
N SER A 185 -6.12 14.38 18.87
CA SER A 185 -4.68 14.35 19.09
C SER A 185 -3.90 15.66 19.15
N PRO A 186 -4.23 16.56 20.04
CA PRO A 186 -3.49 17.81 20.14
C PRO A 186 -2.02 17.62 20.54
N ALA A 187 -1.14 18.32 19.85
CA ALA A 187 0.28 18.24 20.14
C ALA A 187 0.97 19.59 20.35
N TRP A 188 1.67 19.73 21.47
CA TRP A 188 2.30 20.98 21.85
C TRP A 188 3.57 21.27 21.06
N SER A 189 3.83 22.56 20.82
N SER A 189 3.83 22.56 20.83
CA SER A 189 5.11 22.99 20.29
CA SER A 189 5.11 22.99 20.29
C SER A 189 6.08 23.22 21.44
C SER A 189 6.08 23.21 21.44
N PRO A 190 7.37 22.92 21.23
CA PRO A 190 8.41 23.03 22.26
C PRO A 190 8.44 24.35 23.04
N ASP A 191 7.98 25.45 22.43
CA ASP A 191 7.85 26.71 23.15
C ASP A 191 6.57 26.72 23.98
N GLY A 192 5.44 26.43 23.33
CA GLY A 192 4.15 26.38 24.00
C GLY A 192 3.15 27.35 23.41
N SER A 193 3.51 27.99 22.30
CA SER A 193 2.66 29.00 21.69
C SER A 193 1.80 28.42 20.56
N LYS A 194 2.14 27.23 20.10
CA LYS A 194 1.41 26.60 19.00
C LYS A 194 1.03 25.15 19.30
N ILE A 195 -0.04 24.69 18.67
CA ILE A 195 -0.52 23.33 18.87
C ILE A 195 -1.05 22.73 17.57
N ALA A 196 -0.59 21.53 17.24
CA ALA A 196 -1.08 20.79 16.08
C ALA A 196 -2.13 19.77 16.50
N TYR A 197 -3.14 19.60 15.65
CA TYR A 197 -4.22 18.65 15.88
C TYR A 197 -5.01 18.27 14.61
N VAL A 198 -5.82 17.24 14.71
CA VAL A 198 -6.61 16.81 13.56
C VAL A 198 -8.06 17.25 13.73
N THR A 199 -8.57 17.90 12.71
CA THR A 199 -9.93 18.42 12.69
C THR A 199 -10.76 17.93 11.50
N PHE A 200 -11.99 17.49 11.74
CA PHE A 200 -12.83 16.88 10.72
C PHE A 200 -13.95 17.80 10.25
N GLU A 201 -13.71 19.11 10.29
CA GLU A 201 -14.75 20.09 10.01
C GLU A 201 -15.24 20.05 8.55
N SER A 202 -14.33 19.73 7.63
CA SER A 202 -14.67 19.67 6.21
C SER A 202 -15.51 18.44 5.87
N GLY A 203 -15.47 17.45 6.75
CA GLY A 203 -16.11 16.17 6.49
C GLY A 203 -15.06 15.08 6.46
N LYS A 204 -13.87 15.46 5.99
CA LYS A 204 -12.72 14.58 6.04
C LYS A 204 -11.72 15.12 7.06
N SER A 205 -10.71 14.30 7.38
CA SER A 205 -9.70 14.71 8.36
C SER A 205 -8.79 15.79 7.81
N ALA A 206 -8.27 16.62 8.69
CA ALA A 206 -7.31 17.66 8.33
C ALA A 206 -6.35 17.90 9.48
N LEU A 207 -5.09 18.14 9.17
CA LEU A 207 -4.11 18.43 10.19
C LEU A 207 -3.71 19.88 10.11
N VAL A 208 -3.84 20.57 11.22
CA VAL A 208 -3.60 22.01 11.28
C VAL A 208 -2.78 22.40 12.51
N ILE A 209 -2.35 23.66 12.54
CA ILE A 209 -1.61 24.21 13.67
C ILE A 209 -2.17 25.57 14.05
N GLN A 210 -2.57 25.73 15.30
CA GLN A 210 -3.11 26.98 15.77
C GLN A 210 -2.14 27.70 16.69
N THR A 211 -1.84 28.94 16.36
CA THR A 211 -1.09 29.82 17.25
C THR A 211 -2.05 30.39 18.28
N LEU A 212 -1.88 29.95 19.53
CA LEU A 212 -2.84 30.22 20.60
C LEU A 212 -3.02 31.72 20.86
N ALA A 213 -1.93 32.46 20.81
CA ALA A 213 -1.92 33.87 21.19
C ALA A 213 -2.90 34.71 20.39
N ASN A 214 -3.12 34.36 19.12
CA ASN A 214 -4.04 35.10 18.28
C ASN A 214 -5.19 34.24 17.75
N GLY A 215 -5.01 32.92 17.80
CA GLY A 215 -6.04 31.99 17.37
C GLY A 215 -6.13 31.87 15.87
N ALA A 216 -4.99 31.92 15.19
CA ALA A 216 -4.96 31.79 13.74
C ALA A 216 -4.64 30.34 13.35
N ILE A 217 -4.97 29.97 12.11
CA ILE A 217 -4.84 28.59 11.68
C ILE A 217 -3.83 28.41 10.54
N ARG A 218 -2.93 27.47 10.72
CA ARG A 218 -2.04 27.11 9.64
C ARG A 218 -2.43 25.74 9.18
N GLN A 219 -2.80 25.58 7.93
CA GLN A 219 -3.11 24.24 7.45
C GLN A 219 -1.79 23.59 7.13
N VAL A 220 -1.54 22.39 7.66
CA VAL A 220 -0.27 21.74 7.37
C VAL A 220 -0.39 20.60 6.38
N ALA A 221 -1.30 19.67 6.62
CA ALA A 221 -1.56 18.64 5.66
C ALA A 221 -3.02 18.29 5.52
N SER A 222 -3.52 18.34 4.30
CA SER A 222 -4.84 17.80 4.00
C SER A 222 -4.79 16.99 2.74
N PHE A 223 -4.07 15.88 2.80
CA PHE A 223 -3.95 14.96 1.70
C PHE A 223 -5.13 14.04 1.69
N PRO A 224 -5.32 13.31 0.63
CA PRO A 224 -6.41 12.37 0.56
C PRO A 224 -6.29 11.38 1.70
N ARG A 225 -7.39 11.13 2.38
CA ARG A 225 -7.38 10.19 3.48
C ARG A 225 -6.91 10.84 4.76
N HIS A 226 -6.80 10.05 5.83
CA HIS A 226 -6.49 10.59 7.14
C HIS A 226 -5.16 11.29 7.20
N ASN A 227 -5.16 12.49 7.78
CA ASN A 227 -3.95 13.20 8.10
C ASN A 227 -3.96 13.40 9.60
N GLY A 228 -2.97 12.85 10.29
CA GLY A 228 -3.09 12.63 11.71
C GLY A 228 -1.81 12.48 12.51
N ALA A 229 -1.96 12.38 13.82
CA ALA A 229 -0.86 12.03 14.71
C ALA A 229 0.35 12.95 14.74
N PRO A 230 0.15 14.25 14.87
CA PRO A 230 1.28 15.16 14.82
C PRO A 230 2.27 14.98 15.99
N ALA A 231 3.56 15.11 15.69
CA ALA A 231 4.57 15.19 16.73
C ALA A 231 5.61 16.25 16.43
N PHE A 232 5.78 17.20 17.34
CA PHE A 232 6.86 18.18 17.23
C PHE A 232 8.15 17.64 17.81
N SER A 233 9.25 17.82 17.09
CA SER A 233 10.55 17.48 17.60
C SER A 233 10.89 18.42 18.73
N PRO A 234 11.51 17.88 19.78
CA PRO A 234 11.84 18.67 20.96
C PRO A 234 12.50 20.03 20.67
N ASP A 235 13.09 20.18 19.49
CA ASP A 235 13.68 21.45 19.09
C ASP A 235 12.67 22.34 18.36
N GLY A 236 11.65 21.72 17.80
CA GLY A 236 10.58 22.44 17.14
C GLY A 236 10.80 22.64 15.65
N THR A 237 11.95 22.21 15.17
CA THR A 237 12.32 22.40 13.77
C THR A 237 11.40 21.69 12.80
N LYS A 238 10.99 20.47 13.15
CA LYS A 238 10.15 19.68 12.27
C LYS A 238 9.07 18.90 12.97
N LEU A 239 8.06 18.52 12.20
CA LEU A 239 6.88 17.85 12.70
C LEU A 239 6.66 16.52 12.00
N ALA A 240 6.32 15.49 12.77
CA ALA A 240 6.06 14.16 12.23
C ALA A 240 4.58 13.84 12.30
N PHE A 241 4.13 12.96 11.40
CA PHE A 241 2.72 12.55 11.36
C PHE A 241 2.52 11.36 10.43
N ALA A 242 1.31 10.82 10.41
CA ALA A 242 0.99 9.67 9.58
C ALA A 242 -0.08 9.98 8.53
N LEU A 243 0.14 9.50 7.31
CA LEU A 243 -0.81 9.70 6.22
C LEU A 243 -1.24 8.36 5.64
N SER A 244 -2.55 8.19 5.47
CA SER A 244 -3.08 6.94 4.92
C SER A 244 -3.55 7.12 3.48
N LYS A 245 -3.02 8.15 2.83
CA LYS A 245 -3.30 8.39 1.41
C LYS A 245 -2.77 7.25 0.57
N SER A 246 -1.65 6.70 0.99
CA SER A 246 -0.93 5.67 0.28
C SER A 246 -1.75 4.41 0.17
N GLY A 247 -2.71 4.25 1.07
CA GLY A 247 -3.44 3.00 1.19
C GLY A 247 -3.36 2.47 2.60
N SER A 248 -2.39 2.99 3.36
CA SER A 248 -2.23 2.64 4.76
C SER A 248 -1.50 3.76 5.50
N LEU A 249 -1.64 3.78 6.81
CA LEU A 249 -0.99 4.80 7.63
C LEU A 249 0.53 4.61 7.63
N ASN A 250 1.24 5.57 7.05
CA ASN A 250 2.69 5.56 7.12
C ASN A 250 3.21 6.94 7.46
N LEU A 251 4.37 6.97 8.10
CA LEU A 251 4.87 8.21 8.71
C LEU A 251 5.53 9.18 7.73
N TYR A 252 5.40 10.46 8.03
CA TYR A 252 6.04 11.53 7.30
C TYR A 252 6.58 12.55 8.29
N VAL A 253 7.57 13.33 7.87
CA VAL A 253 8.06 14.45 8.65
C VAL A 253 8.16 15.71 7.79
N ASP A 255 9.58 19.78 7.48
CA ASP A 255 10.47 20.77 7.98
C ASP A 255 9.62 22.00 8.10
N LEU A 256 9.38 22.47 9.31
CA LEU A 256 8.38 23.48 9.50
C LEU A 256 8.73 24.75 8.77
N ALA A 257 9.97 25.17 8.84
CA ALA A 257 10.38 26.41 8.19
C ALA A 257 10.33 26.39 6.66
N SER A 258 10.90 25.36 6.07
CA SER A 258 10.84 25.15 4.64
C SER A 258 9.45 24.75 4.17
N GLY A 259 8.81 23.89 4.95
CA GLY A 259 7.54 23.32 4.58
C GLY A 259 7.71 22.13 3.67
N GLN A 260 8.95 21.77 3.35
CA GLN A 260 9.18 20.63 2.48
C GLN A 260 8.76 19.38 3.20
N ILE A 261 8.17 18.45 2.48
CA ILE A 261 7.61 17.24 3.07
C ILE A 261 8.37 15.99 2.66
N SER A 262 8.65 15.11 3.62
CA SER A 262 9.41 13.90 3.36
C SER A 262 8.75 12.67 3.95
N GLN A 263 8.89 11.54 3.28
CA GLN A 263 8.35 10.28 3.78
C GLN A 263 9.35 9.55 4.67
N VAL A 264 8.99 9.39 5.94
CA VAL A 264 9.73 8.56 6.90
C VAL A 264 9.61 7.06 6.71
N THR A 265 8.40 6.62 6.45
CA THR A 265 8.08 5.21 6.47
C THR A 265 7.54 4.72 5.14
N ASP A 266 8.09 3.60 4.69
CA ASP A 266 7.66 2.93 3.48
C ASP A 266 7.02 1.67 3.98
N GLY A 267 5.75 1.46 3.68
CA GLY A 267 5.11 0.22 4.04
C GLY A 267 3.83 -0.02 3.31
N ARG A 268 3.43 -1.28 3.27
CA ARG A 268 2.06 -1.63 3.01
C ARG A 268 1.39 -1.80 4.37
N SER A 269 2.22 -1.89 5.41
CA SER A 269 1.75 -1.97 6.79
C SER A 269 1.26 -0.62 7.29
N ASN A 270 0.77 -0.60 8.53
CA ASN A 270 0.33 0.65 9.15
C ASN A 270 1.32 1.15 10.18
N ASN A 271 1.78 2.39 9.99
CA ASN A 271 2.69 3.02 10.92
C ASN A 271 2.14 4.38 11.34
N THR A 272 1.94 4.56 12.64
CA THR A 272 1.31 5.77 13.15
C THR A 272 1.76 6.11 14.57
N GLU A 273 1.12 7.11 15.16
CA GLU A 273 1.37 7.51 16.53
C GLU A 273 2.82 7.79 16.81
N PRO A 274 3.42 8.72 16.08
CA PRO A 274 4.84 8.98 16.26
C PRO A 274 5.23 9.73 17.53
N SER A 275 6.24 9.21 18.21
CA SER A 275 6.77 9.86 19.41
C SER A 275 8.25 10.14 19.27
N TRP A 276 8.67 11.35 19.58
CA TRP A 276 10.04 11.74 19.33
C TRP A 276 11.03 11.30 20.41
N PHE A 277 12.20 10.87 19.96
CA PHE A 277 13.35 10.69 20.82
C PHE A 277 13.99 12.06 21.06
N PRO A 278 14.64 12.24 22.22
CA PRO A 278 15.23 13.52 22.62
C PRO A 278 16.16 14.14 21.57
N ASP A 279 16.79 13.31 20.74
CA ASP A 279 17.70 13.79 19.72
C ASP A 279 17.03 14.46 18.54
N SER A 280 15.74 14.20 18.37
CA SER A 280 14.98 14.80 17.29
C SER A 280 15.52 14.31 15.97
N GLN A 281 16.13 13.13 15.99
CA GLN A 281 16.53 12.43 14.79
C GLN A 281 15.87 11.07 14.76
N ASN A 282 15.24 10.69 15.86
CA ASN A 282 14.66 9.37 15.99
C ASN A 282 13.22 9.42 16.43
N LEU A 283 12.43 8.53 15.85
CA LEU A 283 11.01 8.49 16.10
C LEU A 283 10.64 7.16 16.66
N ALA A 284 9.83 7.16 17.71
CA ALA A 284 9.18 5.96 18.22
C ALA A 284 7.74 5.98 17.72
N TYR A 285 7.22 4.83 17.29
CA TYR A 285 5.90 4.81 16.69
C TYR A 285 5.26 3.42 16.70
N THR A 286 3.97 3.39 16.43
CA THR A 286 3.23 2.14 16.41
C THR A 286 3.21 1.52 15.02
N SER A 287 3.43 0.21 14.95
CA SER A 287 3.48 -0.46 13.66
C SER A 287 3.00 -1.90 13.74
N ASP A 288 2.24 -2.33 12.75
CA ASP A 288 1.76 -3.71 12.69
C ASP A 288 2.43 -4.56 11.62
N GLN A 289 3.66 -4.21 11.27
CA GLN A 289 4.39 -4.95 10.27
C GLN A 289 4.59 -6.37 10.75
N GLY A 290 4.50 -6.54 12.05
CA GLY A 290 4.62 -7.82 12.70
C GLY A 290 3.31 -8.45 13.11
N GLY A 291 2.19 -7.97 12.60
CA GLY A 291 0.91 -8.45 13.10
C GLY A 291 0.37 -7.48 14.12
N ARG A 292 -0.32 -7.95 15.15
CA ARG A 292 -0.87 -6.99 16.08
C ARG A 292 0.23 -5.99 16.43
N PRO A 293 -0.14 -4.73 16.57
CA PRO A 293 0.85 -3.65 16.61
C PRO A 293 1.84 -3.66 17.78
N GLN A 294 3.08 -3.30 17.48
CA GLN A 294 4.10 -3.07 18.51
C GLN A 294 4.72 -1.70 18.26
N VAL A 295 5.57 -1.25 19.17
CA VAL A 295 6.23 0.05 19.00
C VAL A 295 7.59 -0.11 18.32
N TYR A 296 7.81 0.67 17.28
CA TYR A 296 9.05 0.58 16.51
C TYR A 296 9.88 1.86 16.60
N LYS A 297 11.13 1.77 16.16
CA LYS A 297 12.05 2.89 16.15
C LYS A 297 12.77 3.03 14.81
N VAL A 298 12.74 4.21 14.23
CA VAL A 298 13.48 4.47 13.00
C VAL A 298 14.09 5.87 12.99
N ASN A 299 15.10 6.07 12.17
CA ASN A 299 15.72 7.38 12.03
C ASN A 299 15.16 8.09 10.81
N ILE A 300 14.82 9.36 10.96
CA ILE A 300 14.18 10.11 9.88
C ILE A 300 15.13 10.27 8.70
N ASN A 301 16.43 10.22 8.96
CA ASN A 301 17.42 10.32 7.90
C ASN A 301 17.44 9.08 7.03
N GLY A 302 17.76 7.95 7.66
CA GLY A 302 17.80 6.67 6.96
C GLY A 302 17.92 5.52 7.93
N GLY A 303 17.43 4.36 7.54
CA GLY A 303 17.49 3.18 8.38
C GLY A 303 16.26 2.30 8.26
N VAL A 304 16.36 1.09 8.80
CA VAL A 304 15.26 0.13 8.75
C VAL A 304 14.65 -0.03 10.15
N PRO A 305 13.31 0.05 10.24
CA PRO A 305 12.56 -0.06 11.50
C PRO A 305 12.89 -1.29 12.33
N GLN A 306 13.11 -1.09 13.63
CA GLN A 306 13.37 -2.19 14.55
C GLN A 306 12.36 -2.16 15.69
N ARG A 307 11.94 -3.35 16.14
CA ARG A 307 11.04 -3.46 17.29
C ARG A 307 11.78 -3.20 18.59
N ILE A 308 11.20 -2.38 19.46
CA ILE A 308 11.84 -2.03 20.72
C ILE A 308 11.04 -2.50 21.92
N THR A 309 9.75 -2.78 21.71
CA THR A 309 8.93 -3.36 22.77
C THR A 309 8.99 -4.89 22.71
N TRP A 310 9.56 -5.49 23.73
CA TRP A 310 9.83 -6.93 23.72
C TRP A 310 9.04 -7.70 24.77
N GLU A 311 8.06 -7.03 25.36
CA GLU A 311 7.22 -7.63 26.37
C GLU A 311 5.76 -7.35 26.12
N GLY A 312 4.93 -8.38 26.18
CA GLY A 312 3.50 -8.22 25.95
C GLY A 312 3.13 -8.49 24.50
N SER A 313 1.87 -8.82 24.27
CA SER A 313 1.39 -9.16 22.94
C SER A 313 1.11 -7.92 22.09
N GLN A 314 0.84 -6.80 22.73
CA GLN A 314 0.45 -5.60 22.00
C GLN A 314 0.84 -4.32 22.74
N ASN A 315 1.58 -3.46 22.05
CA ASN A 315 2.05 -2.20 22.63
C ASN A 315 1.91 -1.04 21.64
N GLN A 316 1.16 -0.01 22.03
CA GLN A 316 0.90 1.15 21.16
C GLN A 316 0.95 2.46 21.94
N ASN A 317 0.83 3.57 21.21
CA ASN A 317 0.62 4.90 21.79
C ASN A 317 1.68 5.31 22.80
N ALA A 318 2.95 5.09 22.47
CA ALA A 318 4.02 5.32 23.43
C ALA A 318 4.43 6.78 23.52
N ASP A 319 4.94 7.17 24.68
CA ASP A 319 5.57 8.47 24.85
C ASP A 319 6.97 8.26 25.41
N VAL A 320 7.95 8.87 24.75
CA VAL A 320 9.32 8.81 25.21
C VAL A 320 9.58 9.96 26.17
N SER A 321 10.24 9.66 27.29
CA SER A 321 10.58 10.68 28.26
C SER A 321 11.61 11.64 27.65
N PRO A 322 11.55 12.92 28.04
CA PRO A 322 12.49 13.93 27.55
C PRO A 322 13.96 13.52 27.68
N ASP A 323 14.35 13.03 28.86
CA ASP A 323 15.73 12.61 29.07
C ASP A 323 16.06 11.35 28.25
N GLY A 324 15.03 10.70 27.74
CA GLY A 324 15.20 9.55 26.87
C GLY A 324 15.46 8.25 27.62
N LYS A 325 15.05 8.19 28.87
CA LYS A 325 15.32 7.03 29.71
C LYS A 325 14.29 5.92 29.56
N PHE A 326 13.01 6.27 29.50
CA PHE A 326 11.97 5.24 29.50
C PHE A 326 10.84 5.47 28.51
N LEU A 327 10.04 4.44 28.31
CA LEU A 327 8.85 4.48 27.47
C LEU A 327 7.59 4.30 28.33
N VAL A 328 6.51 4.98 27.92
CA VAL A 328 5.22 4.82 28.57
C VAL A 328 4.14 4.59 27.50
N LEU A 329 3.47 3.45 27.57
CA LEU A 329 2.57 3.07 26.49
C LEU A 329 1.34 2.28 26.95
N VAL A 330 0.54 1.84 25.99
CA VAL A 330 -0.66 1.05 26.26
C VAL A 330 -0.38 -0.44 26.02
N SER A 331 -0.18 -1.18 27.11
CA SER A 331 0.09 -2.60 27.00
C SER A 331 -1.20 -3.42 27.11
N SER A 332 -1.56 -4.09 26.01
CA SER A 332 -2.80 -4.86 25.96
C SER A 332 -2.55 -6.36 25.98
N ASN A 333 -3.17 -7.05 26.93
CA ASN A 333 -3.04 -8.49 27.03
C ASN A 333 -4.35 -9.18 27.39
N GLY A 334 -4.88 -9.98 26.47
CA GLY A 334 -6.06 -10.77 26.72
C GLY A 334 -7.34 -9.96 26.90
N GLY A 335 -7.46 -8.86 26.16
CA GLY A 335 -8.67 -8.06 26.19
C GLY A 335 -8.52 -6.74 26.94
N ALA A 336 -7.75 -6.75 28.01
CA ALA A 336 -7.55 -5.55 28.81
C ALA A 336 -6.35 -4.76 28.31
N GLN A 337 -6.29 -3.49 28.68
CA GLN A 337 -5.19 -2.62 28.27
C GLN A 337 -4.89 -1.57 29.35
N HIS A 338 -3.62 -1.41 29.70
CA HIS A 338 -3.19 -0.53 30.79
C HIS A 338 -1.91 0.22 30.46
N ILE A 339 -1.68 1.32 31.16
CA ILE A 339 -0.49 2.13 30.97
C ILE A 339 0.73 1.46 31.60
N ALA A 340 1.68 1.06 30.76
CA ALA A 340 2.88 0.38 31.24
C ALA A 340 4.14 1.20 30.93
N LYS A 341 5.13 1.09 31.81
CA LYS A 341 6.40 1.77 31.59
C LYS A 341 7.50 0.77 31.26
N GLN A 342 8.42 1.16 30.38
CA GLN A 342 9.50 0.30 29.96
C GLN A 342 10.87 0.97 30.08
N ASP A 343 11.75 0.38 30.88
CA ASP A 343 13.13 0.83 30.95
C ASP A 343 13.84 0.51 29.64
N LEU A 344 14.35 1.53 28.97
CA LEU A 344 14.93 1.36 27.64
C LEU A 344 16.33 0.76 27.65
N GLU A 345 16.94 0.67 28.83
CA GLU A 345 18.22 -0.02 28.95
C GLU A 345 18.06 -1.35 29.68
N THR A 346 17.41 -1.29 30.83
CA THR A 346 17.17 -2.48 31.64
C THR A 346 16.26 -3.45 30.91
N GLY A 347 15.12 -2.94 30.45
CA GLY A 347 14.14 -3.76 29.76
C GLY A 347 12.93 -4.04 30.63
N ALA A 348 13.11 -3.86 31.93
CA ALA A 348 12.05 -4.13 32.90
C ALA A 348 10.78 -3.33 32.62
N VAL A 349 9.73 -4.04 32.22
CA VAL A 349 8.45 -3.40 31.93
C VAL A 349 7.54 -3.42 33.15
N GLN A 350 7.00 -2.26 33.49
CA GLN A 350 6.17 -2.12 34.67
C GLN A 350 4.82 -1.48 34.35
N VAL A 351 3.74 -2.21 34.63
CA VAL A 351 2.39 -1.66 34.45
C VAL A 351 2.11 -0.64 35.54
N LEU A 352 1.69 0.54 35.11
CA LEU A 352 1.43 1.64 36.01
C LEU A 352 -0.02 1.81 36.41
N THR A 353 -0.94 1.08 35.79
CA THR A 353 -2.34 1.40 35.97
C THR A 353 -3.27 0.23 36.11
N ASP A 354 -4.39 0.45 36.77
CA ASP A 354 -5.37 -0.58 37.04
C ASP A 354 -6.71 -0.35 36.36
N THR A 355 -6.83 0.78 35.67
CA THR A 355 -8.11 1.23 35.10
C THR A 355 -8.54 0.60 33.77
N LEU A 356 -9.81 0.79 33.43
CA LEU A 356 -10.37 0.33 32.17
C LEU A 356 -9.96 1.18 30.97
N LEU A 357 -9.51 0.51 29.92
CA LEU A 357 -9.21 1.11 28.62
C LEU A 357 -8.27 2.29 28.63
N ASP A 358 -7.13 2.16 29.29
CA ASP A 358 -6.15 3.23 29.35
C ASP A 358 -5.54 3.52 27.99
N GLU A 359 -5.43 4.81 27.66
CA GLU A 359 -4.86 5.22 26.39
C GLU A 359 -4.37 6.66 26.36
N THR A 360 -3.67 7.02 25.30
CA THR A 360 -3.23 8.40 25.07
C THR A 360 -2.38 9.03 26.19
N PRO A 361 -1.37 8.20 26.70
CA PRO A 361 -0.60 8.81 27.80
C PRO A 361 0.36 9.92 27.40
N SER A 362 0.61 10.84 28.31
CA SER A 362 1.53 11.93 28.06
C SER A 362 2.49 12.07 29.22
N ILE A 363 3.66 12.62 28.97
CA ILE A 363 4.68 12.78 30.00
C ILE A 363 5.02 14.25 30.25
N ALA A 364 4.95 14.64 31.52
CA ALA A 364 5.32 15.99 31.95
C ALA A 364 6.77 16.29 31.54
N PRO A 365 7.09 17.58 31.31
CA PRO A 365 8.42 17.96 30.80
C PRO A 365 9.58 17.46 31.66
N ASN A 366 9.37 17.24 32.95
CA ASN A 366 10.44 16.73 33.81
C ASN A 366 10.36 15.22 34.01
N GLY A 367 9.48 14.57 33.25
CA GLY A 367 9.41 13.12 33.23
C GLY A 367 9.11 12.45 34.56
N THR A 368 8.35 13.15 35.39
CA THR A 368 7.98 12.69 36.72
C THR A 368 6.60 12.08 36.75
N VAL A 370 2.68 11.04 34.62
CA VAL A 370 1.95 10.67 33.41
C VAL A 370 0.46 11.03 33.49
N ILE A 371 -0.03 11.69 32.45
CA ILE A 371 -1.46 11.94 32.34
C ILE A 371 -2.01 11.23 31.10
N TYR A 372 -3.09 10.48 31.30
CA TYR A 372 -3.66 9.62 30.28
C TYR A 372 -5.17 9.64 30.36
N SER A 373 -5.82 8.86 29.52
CA SER A 373 -7.27 8.81 29.51
C SER A 373 -7.83 7.46 29.86
N SER A 374 -8.85 7.44 30.70
CA SER A 374 -9.48 6.21 31.11
C SER A 374 -11.00 6.31 30.98
N THR A 375 -11.63 5.15 30.85
CA THR A 375 -13.05 5.07 30.61
C THR A 375 -13.84 4.75 31.88
N GLN A 376 -14.80 5.62 32.18
CA GLN A 376 -15.71 5.43 33.29
C GLN A 376 -17.14 5.53 32.79
N GLY A 377 -17.97 4.52 33.03
CA GLY A 377 -19.36 4.61 32.64
C GLY A 377 -19.62 4.80 31.16
N LEU A 378 -20.32 5.87 30.82
CA LEU A 378 -20.51 6.22 29.43
C LEU A 378 -19.49 7.22 28.90
N GLY A 379 -18.60 7.70 29.76
CA GLY A 379 -17.66 8.72 29.34
C GLY A 379 -16.22 8.42 29.73
N SER A 380 -15.31 9.29 29.29
CA SER A 380 -13.88 9.13 29.61
C SER A 380 -13.40 10.25 30.52
N VAL A 381 -12.45 9.91 31.40
CA VAL A 381 -11.88 10.85 32.35
C VAL A 381 -10.36 10.91 32.21
N LEU A 382 -9.78 12.08 32.49
CA LEU A 382 -8.33 12.22 32.55
C LEU A 382 -7.80 11.63 33.84
N GLN A 383 -6.63 10.99 33.77
CA GLN A 383 -6.03 10.35 34.93
C GLN A 383 -4.60 10.80 35.13
N LEU A 384 -4.07 10.58 36.33
CA LEU A 384 -2.67 10.86 36.59
C LEU A 384 -2.01 9.70 37.32
N VAL A 385 -0.74 9.46 37.01
CA VAL A 385 0.04 8.44 37.67
C VAL A 385 1.52 8.80 37.64
N SER A 386 2.17 8.75 38.80
CA SER A 386 3.60 8.99 38.87
C SER A 386 4.33 7.94 38.04
N THR A 387 5.48 8.32 37.49
CA THR A 387 6.22 7.43 36.60
C THR A 387 6.68 6.15 37.28
N ASP A 388 6.57 6.08 38.60
CA ASP A 388 6.89 4.85 39.32
C ASP A 388 5.62 4.16 39.80
N GLY A 389 4.48 4.80 39.55
CA GLY A 389 3.18 4.19 39.82
C GLY A 389 2.75 4.21 41.27
N ARG A 390 3.56 4.79 42.13
CA ARG A 390 3.26 4.86 43.56
C ARG A 390 2.18 5.89 43.88
N PHE A 391 1.88 6.74 42.90
CA PHE A 391 0.94 7.84 43.11
C PHE A 391 -0.09 7.88 41.98
N LYS A 392 -1.35 7.64 42.33
CA LYS A 392 -2.44 7.71 41.36
C LYS A 392 -3.39 8.87 41.72
N ALA A 393 -3.92 9.52 40.69
CA ALA A 393 -4.81 10.66 40.90
C ALA A 393 -5.82 10.81 39.76
N ARG A 394 -6.89 11.55 40.04
CA ARG A 394 -7.95 11.78 39.07
C ARG A 394 -7.97 13.26 38.65
N LEU A 395 -8.64 13.56 37.54
CA LEU A 395 -8.66 14.93 37.04
C LEU A 395 -9.93 15.26 36.25
N PRO A 396 -10.74 16.18 36.78
CA PRO A 396 -11.91 16.73 36.08
C PRO A 396 -11.64 18.08 35.43
N ASP A 399 -17.47 19.14 33.05
CA ASP A 399 -18.26 19.23 31.82
C ASP A 399 -18.50 17.86 31.20
N GLY A 400 -18.52 17.82 29.88
CA GLY A 400 -18.66 16.57 29.15
C GLY A 400 -17.40 15.75 29.27
N GLN A 401 -17.43 14.53 28.76
CA GLN A 401 -16.29 13.63 28.83
C GLN A 401 -15.05 14.23 28.16
N VAL A 402 -13.88 13.96 28.75
CA VAL A 402 -12.63 14.56 28.31
C VAL A 402 -11.68 13.53 27.72
N LYS A 403 -10.96 13.92 26.66
CA LYS A 403 -10.04 13.03 25.95
C LYS A 403 -8.77 13.73 25.47
N PHE A 404 -7.86 12.95 24.92
CA PHE A 404 -6.68 13.46 24.23
C PHE A 404 -5.78 14.37 25.06
N PRO A 405 -5.51 13.94 26.36
CA PRO A 405 -4.67 14.88 27.13
C PRO A 405 -3.28 15.06 26.54
N ALA A 406 -2.81 16.30 26.50
CA ALA A 406 -1.45 16.60 26.13
C ALA A 406 -0.84 17.52 27.18
N TRP A 407 0.34 17.17 27.66
CA TRP A 407 1.06 17.96 28.64
C TRP A 407 2.04 18.89 27.96
N SER A 408 2.01 20.15 28.37
CA SER A 408 2.82 21.19 27.81
C SER A 408 4.29 20.98 28.09
N PRO A 409 5.13 21.65 27.20
CA PRO A 409 6.54 21.64 27.61
C PRO A 409 6.76 22.68 28.71
N TYR A 410 7.98 22.86 29.17
CA TYR A 410 8.21 23.82 30.25
C TYR A 410 7.73 25.20 29.83
N LEU A 411 7.13 25.93 30.75
CA LEU A 411 6.70 27.31 30.52
C LEU A 411 6.22 27.97 31.81
N SER B 18 -48.89 -0.22 -7.19
CA SER B 18 -49.34 0.44 -8.41
C SER B 18 -48.16 0.92 -9.26
N ASN B 19 -48.46 1.62 -10.34
CA ASN B 19 -47.41 2.20 -11.18
C ASN B 19 -47.17 3.64 -10.76
N LEU B 20 -45.90 4.02 -10.64
CA LEU B 20 -45.56 5.32 -10.08
C LEU B 20 -44.93 6.23 -11.12
N SER B 21 -44.91 7.53 -10.83
CA SER B 21 -44.14 8.47 -11.62
C SER B 21 -42.67 8.18 -11.38
N SER B 22 -41.84 8.39 -12.39
CA SER B 22 -40.42 8.10 -12.28
C SER B 22 -39.70 9.09 -11.36
N GLU B 23 -40.46 10.01 -10.78
CA GLU B 23 -39.91 11.05 -9.92
C GLU B 23 -39.98 10.64 -8.45
N GLU B 24 -41.17 10.29 -7.99
CA GLU B 24 -41.33 9.78 -6.62
C GLU B 24 -40.89 8.34 -6.55
N GLN B 25 -40.55 7.78 -7.71
CA GLN B 25 -39.94 6.47 -7.78
C GLN B 25 -38.50 6.57 -7.28
N ALA B 26 -37.85 7.66 -7.65
CA ALA B 26 -36.51 7.96 -7.16
C ALA B 26 -36.57 8.35 -5.69
N ARG B 27 -37.69 8.95 -5.29
CA ARG B 27 -37.91 9.34 -3.90
C ARG B 27 -37.98 8.12 -3.01
N LEU B 28 -38.84 7.17 -3.39
CA LEU B 28 -38.97 5.91 -2.66
C LEU B 28 -37.65 5.14 -2.68
N GLN B 29 -36.96 5.20 -3.81
CA GLN B 29 -35.65 4.56 -3.96
C GLN B 29 -34.64 5.10 -2.96
N GLN B 31 -35.19 6.70 -0.26
CA GLN B 31 -35.67 6.36 1.07
C GLN B 31 -35.11 5.01 1.53
N GLU B 32 -35.10 4.04 0.62
CA GLU B 32 -34.54 2.73 0.91
C GLU B 32 -33.02 2.80 1.05
N LEU B 33 -32.41 3.69 0.29
CA LEU B 33 -30.97 3.92 0.37
C LEU B 33 -30.63 4.74 1.61
N GLN B 34 -31.51 5.67 1.98
CA GLN B 34 -31.33 6.42 3.20
C GLN B 34 -31.44 5.56 4.44
N LYS B 35 -32.45 4.71 4.47
CA LYS B 35 -32.74 3.86 5.61
C LYS B 35 -31.71 2.79 5.92
N ASN B 36 -31.18 2.15 4.89
CA ASN B 36 -30.43 0.94 5.07
C ASN B 36 -29.09 1.09 4.41
N ASN B 37 -28.25 1.90 5.03
CA ASN B 37 -26.95 2.23 4.54
C ASN B 37 -25.81 1.78 5.43
N ILE B 38 -26.08 0.96 6.44
CA ILE B 38 -25.04 0.56 7.37
C ILE B 38 -24.65 -0.92 7.22
N VAL B 39 -23.37 -1.15 6.95
CA VAL B 39 -22.81 -2.50 6.98
C VAL B 39 -22.16 -2.75 8.32
N TYR B 40 -22.60 -3.80 9.01
CA TYR B 40 -22.06 -4.10 10.33
C TYR B 40 -20.95 -5.15 10.25
N PHE B 41 -19.95 -4.97 11.09
CA PHE B 41 -18.74 -5.75 11.03
C PHE B 41 -18.45 -6.56 12.29
N GLY B 42 -17.72 -7.64 12.10
CA GLY B 42 -17.27 -8.50 13.17
C GLY B 42 -16.16 -7.85 13.94
N PHE B 43 -15.85 -8.37 15.12
CA PHE B 43 -14.84 -7.74 15.93
C PHE B 43 -13.53 -8.01 15.24
N ASP B 44 -12.95 -6.95 14.71
CA ASP B 44 -11.66 -6.97 14.07
C ASP B 44 -11.76 -7.53 12.67
N LYS B 45 -12.95 -7.99 12.32
CA LYS B 45 -13.23 -8.55 11.02
C LYS B 45 -13.69 -7.42 10.13
N TYR B 46 -13.15 -7.36 8.92
CA TYR B 46 -13.52 -6.31 7.99
C TYR B 46 -13.96 -6.82 6.61
N ASP B 47 -14.61 -7.98 6.60
CA ASP B 47 -15.13 -8.57 5.37
C ASP B 47 -16.65 -8.40 5.30
N ILE B 48 -17.16 -8.18 4.09
CA ILE B 48 -18.59 -7.91 3.90
C ILE B 48 -19.42 -9.18 3.92
N GLY B 49 -20.45 -9.19 4.76
CA GLY B 49 -21.35 -10.33 4.87
C GLY B 49 -22.30 -10.43 3.70
N SER B 50 -23.04 -11.52 3.63
CA SER B 50 -23.94 -11.76 2.51
C SER B 50 -25.22 -10.93 2.63
N ASP B 51 -25.54 -10.55 3.86
CA ASP B 51 -26.76 -9.80 4.15
C ASP B 51 -26.77 -8.44 3.45
N PHE B 52 -25.63 -7.78 3.46
CA PHE B 52 -25.53 -6.42 2.95
C PHE B 52 -25.24 -6.40 1.45
N ALA B 53 -24.98 -7.58 0.89
CA ALA B 53 -24.72 -7.71 -0.54
C ALA B 53 -25.87 -7.13 -1.34
N GLN B 54 -27.06 -7.66 -1.12
CA GLN B 54 -28.29 -7.16 -1.73
C GLN B 54 -28.47 -5.65 -1.47
N LEU B 56 -26.02 -3.36 -0.70
CA LEU B 56 -24.99 -2.63 -1.43
C LEU B 56 -25.22 -2.71 -2.94
N ASP B 57 -25.75 -3.84 -3.41
CA ASP B 57 -26.07 -4.00 -4.82
C ASP B 57 -27.17 -3.03 -5.24
N ALA B 58 -27.96 -2.57 -4.27
CA ALA B 58 -28.99 -1.57 -4.54
C ALA B 58 -28.40 -0.17 -4.54
N HIS B 59 -27.41 0.05 -3.68
CA HIS B 59 -26.69 1.33 -3.67
C HIS B 59 -25.91 1.48 -4.98
N ALA B 60 -25.28 0.39 -5.42
CA ALA B 60 -24.45 0.40 -6.61
C ALA B 60 -25.26 0.74 -7.86
N ALA B 61 -26.37 0.04 -8.04
CA ALA B 61 -27.25 0.26 -9.19
C ALA B 61 -27.74 1.70 -9.24
N PHE B 62 -27.98 2.29 -8.08
CA PHE B 62 -28.40 3.68 -7.99
C PHE B 62 -27.30 4.63 -8.43
N LEU B 63 -26.11 4.44 -7.86
CA LEU B 63 -24.99 5.34 -8.07
C LEU B 63 -24.57 5.43 -9.54
N ARG B 64 -24.41 4.29 -10.19
CA ARG B 64 -23.95 4.29 -11.58
C ARG B 64 -25.07 4.58 -12.58
N SER B 65 -26.25 4.89 -12.06
CA SER B 65 -27.35 5.37 -12.88
C SER B 65 -27.45 6.89 -12.70
N ASN B 66 -26.81 7.37 -11.63
CA ASN B 66 -26.71 8.79 -11.36
C ASN B 66 -25.26 9.21 -11.25
N PRO B 67 -24.57 9.36 -12.39
CA PRO B 67 -23.12 9.58 -12.47
C PRO B 67 -22.64 10.83 -11.73
N SER B 68 -23.51 11.81 -11.56
CA SER B 68 -23.13 13.08 -10.95
C SER B 68 -23.47 13.12 -9.46
N ASP B 69 -23.63 11.95 -8.85
CA ASP B 69 -23.94 11.87 -7.43
C ASP B 69 -22.87 11.04 -6.68
N LYS B 70 -22.41 11.57 -5.56
CA LYS B 70 -21.32 10.93 -4.82
C LYS B 70 -21.74 10.47 -3.43
N VAL B 71 -21.23 9.33 -3.01
CA VAL B 71 -21.45 8.82 -1.66
C VAL B 71 -20.15 8.91 -0.88
N VAL B 72 -20.25 9.12 0.42
CA VAL B 72 -19.08 9.06 1.30
C VAL B 72 -19.28 7.93 2.29
N VAL B 73 -18.28 7.07 2.43
CA VAL B 73 -18.39 5.95 3.36
C VAL B 73 -17.64 6.22 4.65
N GLU B 74 -18.35 6.04 5.76
CA GLU B 74 -17.76 6.23 7.07
C GLU B 74 -17.11 4.95 7.58
N GLY B 75 -15.99 5.09 8.27
CA GLY B 75 -15.32 3.96 8.90
C GLY B 75 -15.36 4.07 10.40
N HIS B 76 -15.71 2.98 11.07
CA HIS B 76 -15.89 3.01 12.52
C HIS B 76 -15.30 1.78 13.22
N ALA B 77 -14.57 2.03 14.31
CA ALA B 77 -13.99 0.96 15.11
C ALA B 77 -14.53 1.06 16.55
N ASP B 78 -14.35 -0.01 17.31
CA ASP B 78 -14.78 -0.06 18.70
C ASP B 78 -13.82 0.66 19.62
N GLU B 79 -14.20 0.80 20.87
CA GLU B 79 -13.45 1.57 21.85
C GLU B 79 -12.05 1.02 22.03
N ARG B 80 -11.91 -0.29 21.91
CA ARG B 80 -10.64 -0.92 22.15
C ARG B 80 -9.57 -0.40 21.23
N GLY B 81 -8.35 -0.28 21.74
CA GLY B 81 -7.23 0.26 21.00
C GLY B 81 -7.04 1.74 21.25
N THR B 82 -6.17 2.37 20.49
CA THR B 82 -5.89 3.77 20.67
C THR B 82 -6.44 4.54 19.51
N PRO B 83 -6.81 5.86 19.81
CA PRO B 83 -7.61 6.50 18.76
C PRO B 83 -6.92 6.61 17.42
N GLU B 84 -5.63 6.88 17.42
CA GLU B 84 -4.91 7.00 16.17
C GLU B 84 -4.81 5.70 15.35
N TYR B 85 -4.63 4.56 16.01
CA TYR B 85 -4.45 3.29 15.33
C TYR B 85 -5.80 2.71 14.92
N ASN B 86 -6.85 3.13 15.63
CA ASN B 86 -8.22 2.71 15.28
C ASN B 86 -8.65 3.25 13.93
N ILE B 87 -7.89 4.21 13.40
CA ILE B 87 -8.10 4.72 12.06
C ILE B 87 -7.89 3.61 11.04
N ALA B 88 -6.90 2.75 11.30
CA ALA B 88 -6.54 1.68 10.40
C ALA B 88 -7.67 0.67 10.20
N LEU B 89 -8.38 0.35 11.27
CA LEU B 89 -9.48 -0.60 11.17
C LEU B 89 -10.66 0.06 10.49
N GLY B 90 -10.82 1.36 10.70
CA GLY B 90 -11.92 2.11 10.12
C GLY B 90 -11.84 2.20 8.60
N GLU B 91 -10.64 2.38 8.08
CA GLU B 91 -10.45 2.59 6.64
C GLU B 91 -10.63 1.31 5.84
N ARG B 92 -10.17 0.18 6.38
CA ARG B 92 -10.24 -1.08 5.66
C ARG B 92 -11.68 -1.60 5.56
N ARG B 93 -12.52 -1.19 6.50
CA ARG B 93 -13.93 -1.61 6.47
C ARG B 93 -14.70 -0.82 5.42
N ALA B 94 -14.35 0.45 5.29
CA ALA B 94 -14.94 1.30 4.26
C ALA B 94 -14.33 0.98 2.90
N SER B 95 -13.17 0.34 2.91
CA SER B 95 -12.50 -0.05 1.68
C SER B 95 -13.15 -1.27 1.06
N ALA B 96 -13.57 -2.20 1.91
CA ALA B 96 -14.27 -3.40 1.48
C ALA B 96 -15.62 -3.02 0.85
N VAL B 97 -16.30 -2.07 1.48
CA VAL B 97 -17.56 -1.57 0.96
C VAL B 97 -17.34 -0.91 -0.40
N LYS B 98 -16.33 -0.06 -0.47
CA LYS B 98 -15.98 0.65 -1.71
C LYS B 98 -15.63 -0.36 -2.81
N TYR B 100 -16.43 -3.53 -3.04
CA TYR B 100 -17.61 -4.30 -3.44
C TYR B 100 -18.45 -3.51 -4.44
N LEU B 101 -18.69 -2.24 -4.13
CA LEU B 101 -19.43 -1.36 -5.03
C LEU B 101 -18.65 -1.17 -6.33
N GLN B 102 -17.33 -1.13 -6.22
CA GLN B 102 -16.47 -1.00 -7.39
C GLN B 102 -16.56 -2.21 -8.30
N GLY B 103 -16.66 -3.40 -7.70
CA GLY B 103 -16.85 -4.61 -8.46
C GLY B 103 -18.18 -4.59 -9.17
N LYS B 104 -19.17 -3.97 -8.54
CA LYS B 104 -20.49 -3.84 -9.13
C LYS B 104 -20.51 -2.70 -10.16
N GLY B 105 -19.43 -1.93 -10.21
CA GLY B 105 -19.25 -0.97 -11.28
C GLY B 105 -19.21 0.49 -10.90
N VAL B 106 -19.37 0.79 -9.62
CA VAL B 106 -19.33 2.18 -9.16
C VAL B 106 -17.92 2.74 -9.30
N SER B 107 -17.81 3.91 -9.93
CA SER B 107 -16.52 4.54 -10.16
C SER B 107 -15.88 5.06 -8.87
N ALA B 108 -14.55 5.09 -8.85
CA ALA B 108 -13.83 5.67 -7.72
C ALA B 108 -14.12 7.15 -7.62
N ASP B 109 -14.47 7.75 -8.75
CA ASP B 109 -14.84 9.16 -8.81
C ASP B 109 -16.01 9.47 -7.88
N GLN B 110 -16.96 8.54 -7.80
CA GLN B 110 -18.18 8.76 -7.03
C GLN B 110 -18.01 8.47 -5.54
N ILE B 111 -16.84 7.96 -5.16
CA ILE B 111 -16.60 7.54 -3.79
C ILE B 111 -15.36 8.15 -3.15
N SER B 112 -15.51 8.49 -1.88
CA SER B 112 -14.43 8.89 -1.03
C SER B 112 -14.72 8.25 0.31
N ILE B 113 -13.71 7.93 1.08
CA ILE B 113 -13.95 7.28 2.35
C ILE B 113 -13.33 8.08 3.45
N VAL B 114 -14.02 8.13 4.58
CA VAL B 114 -13.50 8.77 5.76
C VAL B 114 -13.51 7.81 6.93
N SER B 115 -12.39 7.70 7.62
CA SER B 115 -12.30 6.84 8.78
C SER B 115 -12.25 7.69 10.00
N TYR B 116 -13.09 7.39 10.97
CA TYR B 116 -13.17 8.17 12.19
C TYR B 116 -12.47 7.44 13.35
N GLY B 117 -12.16 6.17 13.14
CA GLY B 117 -11.63 5.34 14.21
C GLY B 117 -12.73 5.07 15.21
N LYS B 118 -12.56 5.56 16.43
CA LYS B 118 -13.56 5.41 17.46
C LYS B 118 -14.13 6.74 17.94
N GLU B 119 -14.14 7.74 17.08
CA GLU B 119 -14.49 9.09 17.48
C GLU B 119 -15.99 9.35 17.48
N LYS B 120 -16.72 8.66 16.61
CA LYS B 120 -18.17 8.84 16.49
C LYS B 120 -18.93 7.54 16.71
N PRO B 121 -19.12 7.15 17.97
CA PRO B 121 -19.87 5.93 18.33
C PRO B 121 -21.36 6.08 18.06
N ALA B 122 -22.06 4.97 17.86
CA ALA B 122 -23.51 4.99 17.79
C ALA B 122 -24.08 4.80 19.18
N VAL B 123 -23.57 3.79 19.88
CA VAL B 123 -23.95 3.50 21.25
C VAL B 123 -22.77 3.76 22.18
N LEU B 124 -23.07 4.02 23.45
CA LEU B 124 -22.05 4.29 24.45
C LEU B 124 -22.03 3.19 25.52
N GLY B 125 -20.90 3.03 26.20
CA GLY B 125 -20.77 2.02 27.22
C GLY B 125 -19.64 1.04 26.93
N HIS B 126 -19.60 -0.06 27.69
CA HIS B 126 -18.57 -1.07 27.47
C HIS B 126 -19.19 -2.44 27.23
N ASP B 127 -20.51 -2.48 27.13
CA ASP B 127 -21.20 -3.71 26.79
C ASP B 127 -20.95 -4.04 25.32
N GLU B 128 -21.07 -5.32 24.97
CA GLU B 128 -20.86 -5.76 23.59
C GLU B 128 -21.89 -5.13 22.66
N ALA B 129 -23.08 -4.86 23.19
CA ALA B 129 -24.14 -4.22 22.44
C ALA B 129 -23.66 -2.88 21.88
N ALA B 130 -22.90 -2.15 22.69
CA ALA B 130 -22.29 -0.91 22.24
C ALA B 130 -21.22 -1.20 21.20
N PHE B 131 -20.44 -2.26 21.44
CA PHE B 131 -19.33 -2.60 20.55
C PHE B 131 -19.81 -3.02 19.17
N ALA B 132 -20.72 -3.99 19.13
CA ALA B 132 -21.16 -4.57 17.86
C ALA B 132 -21.76 -3.56 16.90
N LYS B 133 -22.52 -2.60 17.44
CA LYS B 133 -23.20 -1.61 16.61
C LYS B 133 -22.29 -0.43 16.27
N ASN B 134 -21.16 -0.33 16.95
CA ASN B 134 -20.15 0.68 16.63
C ASN B 134 -19.18 0.16 15.58
N ARG B 135 -19.24 -1.14 15.33
CA ARG B 135 -18.41 -1.76 14.29
C ARG B 135 -19.14 -1.74 12.95
N ARG B 136 -19.24 -0.55 12.37
CA ARG B 136 -20.13 -0.32 11.24
C ARG B 136 -19.47 0.42 10.08
N ALA B 137 -20.12 0.35 8.92
CA ALA B 137 -19.73 1.13 7.75
C ALA B 137 -20.95 1.84 7.19
N VAL B 138 -20.97 3.16 7.32
CA VAL B 138 -22.15 3.93 6.93
C VAL B 138 -21.93 4.63 5.58
N LEU B 139 -22.97 4.62 4.75
CA LEU B 139 -22.93 5.30 3.46
C LEU B 139 -23.78 6.56 3.51
N VAL B 140 -23.14 7.72 3.39
CA VAL B 140 -23.88 8.99 3.41
C VAL B 140 -23.88 9.65 2.03
N TYR B 141 -25.05 10.11 1.61
CA TYR B 141 -25.20 10.76 0.31
C TYR B 141 -25.29 12.28 0.45
N VAL C 4 9.46 -25.22 -38.52
CA VAL C 4 9.46 -25.66 -39.91
C VAL C 4 8.07 -25.53 -40.52
N ARG C 5 7.04 -25.54 -39.67
CA ARG C 5 5.64 -25.42 -40.12
C ARG C 5 4.67 -25.11 -38.97
N ILE C 6 3.49 -24.63 -39.34
CA ILE C 6 2.43 -24.37 -38.39
C ILE C 6 1.30 -25.37 -38.59
N GLU C 7 0.81 -25.94 -37.50
CA GLU C 7 -0.22 -26.97 -37.58
C GLU C 7 -1.62 -26.38 -37.61
N ILE C 8 -2.21 -26.29 -38.80
CA ILE C 8 -3.57 -25.79 -38.95
C ILE C 8 -4.57 -26.76 -38.33
N THR C 9 -5.36 -26.27 -37.38
CA THR C 9 -6.37 -27.08 -36.72
C THR C 9 -7.78 -26.81 -37.26
N GLN C 10 -8.05 -25.55 -37.60
CA GLN C 10 -9.32 -25.18 -38.20
C GLN C 10 -9.15 -23.99 -39.14
N GLY C 11 -9.79 -24.06 -40.30
CA GLY C 11 -9.70 -22.99 -41.28
C GLY C 11 -11.07 -22.44 -41.66
N VAL C 12 -11.10 -21.70 -42.76
CA VAL C 12 -12.35 -21.11 -43.26
C VAL C 12 -12.76 -21.79 -44.56
N ASP C 13 -13.95 -22.38 -44.56
CA ASP C 13 -14.44 -23.12 -45.72
C ASP C 13 -14.65 -22.23 -46.94
N SER C 14 -15.09 -21.00 -46.70
CA SER C 14 -15.34 -20.07 -47.79
C SER C 14 -14.19 -19.08 -47.97
N ALA C 15 -12.98 -19.49 -47.60
CA ALA C 15 -11.80 -18.69 -47.86
C ALA C 15 -11.58 -18.55 -49.35
N ARG C 16 -11.23 -17.35 -49.79
CA ARG C 16 -11.20 -17.06 -51.20
C ARG C 16 -10.20 -17.93 -51.91
N PRO C 17 -10.64 -18.63 -52.95
CA PRO C 17 -9.72 -19.47 -53.69
C PRO C 17 -8.73 -18.65 -54.49
N ILE C 18 -7.47 -19.05 -54.46
CA ILE C 18 -6.46 -18.37 -55.20
C ILE C 18 -5.52 -19.40 -55.77
N GLY C 19 -4.84 -19.05 -56.85
CA GLY C 19 -3.88 -19.96 -57.43
C GLY C 19 -2.50 -19.40 -57.25
N VAL C 20 -1.68 -20.12 -56.49
CA VAL C 20 -0.30 -19.75 -56.34
C VAL C 20 0.43 -20.80 -57.12
N VAL C 21 1.18 -20.36 -58.11
CA VAL C 21 1.79 -21.28 -59.02
C VAL C 21 3.24 -21.36 -58.68
N PRO C 22 3.79 -22.56 -58.69
CA PRO C 22 5.18 -22.70 -58.33
C PRO C 22 6.00 -21.85 -59.26
N PHE C 23 7.03 -21.23 -58.71
CA PHE C 23 7.92 -20.40 -59.47
C PHE C 23 8.89 -21.22 -60.28
N LYS C 24 9.20 -20.76 -61.49
CA LYS C 24 10.08 -21.50 -62.38
C LYS C 24 11.52 -21.33 -61.97
N TRP C 25 12.22 -22.45 -61.83
CA TRP C 25 13.63 -22.48 -61.43
C TRP C 25 14.51 -22.33 -62.67
N GLY C 27 17.90 -22.21 -62.65
CA GLY C 27 19.21 -22.80 -62.49
C GLY C 27 19.21 -24.29 -62.72
N PRO C 28 20.38 -24.93 -62.56
CA PRO C 28 20.52 -26.38 -62.68
C PRO C 28 20.08 -27.10 -61.41
N GLY C 29 19.55 -28.30 -61.54
CA GLY C 29 19.19 -29.10 -60.39
C GLY C 29 18.04 -28.53 -59.58
N THR C 30 18.14 -28.63 -58.26
CA THR C 30 17.05 -28.27 -57.36
C THR C 30 17.22 -26.88 -56.75
N PRO C 31 16.10 -26.15 -56.61
CA PRO C 31 16.05 -24.83 -55.99
C PRO C 31 16.37 -24.87 -54.50
N PRO C 32 16.80 -23.74 -53.91
CA PRO C 32 17.11 -23.68 -52.48
C PRO C 32 15.87 -23.81 -51.62
N GLU C 33 14.84 -23.04 -51.96
CA GLU C 33 13.59 -23.02 -51.20
C GLU C 33 12.42 -22.78 -52.15
N GLU C 34 11.30 -23.45 -51.90
N GLU C 34 11.30 -23.45 -51.90
CA GLU C 34 10.11 -23.28 -52.73
CA GLU C 34 10.10 -23.28 -52.71
C GLU C 34 9.35 -22.02 -52.34
C GLU C 34 9.36 -22.01 -52.32
N ILE C 35 9.50 -20.98 -53.15
CA ILE C 35 8.85 -19.69 -52.89
C ILE C 35 7.33 -19.80 -53.02
N GLY C 36 6.87 -20.57 -54.00
CA GLY C 36 5.46 -20.77 -54.21
C GLY C 36 4.75 -21.39 -53.02
N ALA C 37 5.45 -22.30 -52.33
CA ALA C 37 4.89 -22.95 -51.16
C ALA C 37 4.83 -21.99 -49.98
N ILE C 38 5.85 -21.14 -49.86
CA ILE C 38 5.90 -20.14 -48.79
C ILE C 38 4.73 -19.18 -48.92
N VAL C 39 4.52 -18.66 -50.13
CA VAL C 39 3.38 -17.79 -50.40
C VAL C 39 2.07 -18.51 -50.12
N GLY C 40 1.98 -19.75 -50.59
CA GLY C 40 0.82 -20.58 -50.36
C GLY C 40 0.57 -20.77 -48.87
N ALA C 41 1.63 -21.08 -48.14
CA ALA C 41 1.52 -21.22 -46.69
C ALA C 41 1.18 -19.88 -46.04
N ASP C 42 1.80 -18.82 -46.53
CA ASP C 42 1.56 -17.47 -46.01
C ASP C 42 0.09 -17.08 -46.11
N LEU C 43 -0.40 -16.95 -47.34
CA LEU C 43 -1.74 -16.48 -47.61
C LEU C 43 -2.81 -17.35 -46.94
N ARG C 44 -2.56 -18.64 -46.84
CA ARG C 44 -3.51 -19.56 -46.21
C ARG C 44 -3.57 -19.34 -44.70
N ASN C 45 -2.45 -18.91 -44.11
CA ASN C 45 -2.40 -18.66 -42.68
C ASN C 45 -3.13 -17.39 -42.27
N SER C 46 -3.54 -16.60 -43.26
CA SER C 46 -4.28 -15.38 -43.00
C SER C 46 -5.73 -15.69 -42.64
N GLY C 47 -6.20 -16.86 -43.08
CA GLY C 47 -7.58 -17.25 -42.86
C GLY C 47 -8.52 -16.54 -43.83
N LYS C 48 -7.94 -15.99 -44.89
CA LYS C 48 -8.72 -15.23 -45.87
C LYS C 48 -8.58 -15.82 -47.27
N PHE C 49 -7.58 -16.67 -47.45
CA PHE C 49 -7.28 -17.22 -48.77
C PHE C 49 -7.27 -18.74 -48.78
N ASN C 50 -7.54 -19.31 -49.95
CA ASN C 50 -7.45 -20.75 -50.15
C ASN C 50 -6.59 -21.07 -51.37
N PRO C 51 -5.28 -21.29 -51.13
CA PRO C 51 -4.36 -21.67 -52.21
C PRO C 51 -4.76 -23.00 -52.82
N ILE C 52 -4.80 -23.07 -54.14
CA ILE C 52 -5.14 -24.32 -54.81
C ILE C 52 -3.90 -25.21 -54.94
N ASP C 53 -4.07 -26.51 -54.70
CA ASP C 53 -2.98 -27.45 -54.83
C ASP C 53 -2.64 -27.66 -56.30
N ALA C 54 -1.40 -28.03 -56.58
CA ALA C 54 -0.94 -28.22 -57.95
C ALA C 54 -1.60 -29.42 -58.60
N ALA C 55 -2.10 -30.33 -57.78
CA ALA C 55 -2.79 -31.52 -58.29
C ALA C 55 -4.16 -31.16 -58.86
N ARG C 56 -4.56 -29.92 -58.64
CA ARG C 56 -5.88 -29.43 -59.06
C ARG C 56 -5.74 -28.27 -60.03
N PRO C 58 -5.06 -26.03 -63.20
CA PRO C 58 -5.24 -26.22 -64.63
C PRO C 58 -3.93 -26.21 -65.40
N GLN C 59 -3.02 -25.34 -65.03
CA GLN C 59 -1.74 -25.24 -65.69
C GLN C 59 -0.76 -24.54 -64.76
N GLN C 60 0.50 -24.43 -65.17
CA GLN C 60 1.51 -23.81 -64.35
C GLN C 60 2.26 -22.75 -65.12
N PRO C 61 1.54 -21.54 -65.31
CA PRO C 61 2.31 -20.51 -66.04
C PRO C 61 3.37 -19.79 -65.20
N SER C 62 4.39 -19.25 -65.85
CA SER C 62 5.41 -18.48 -65.17
C SER C 62 5.42 -17.01 -65.52
N THR C 63 4.60 -16.62 -66.48
CA THR C 63 4.43 -15.21 -66.81
C THR C 63 2.95 -14.92 -67.06
N ALA C 64 2.62 -13.65 -67.22
CA ALA C 64 1.24 -13.23 -67.47
C ALA C 64 0.72 -13.78 -68.80
N ALA C 65 1.61 -13.87 -69.77
CA ALA C 65 1.24 -14.31 -71.12
C ALA C 65 0.83 -15.79 -71.13
N GLU C 66 1.38 -16.57 -70.21
CA GLU C 66 1.09 -18.00 -70.15
C GLU C 66 -0.27 -18.29 -69.52
N VAL C 67 -0.85 -17.29 -68.89
CA VAL C 67 -2.08 -17.48 -68.12
C VAL C 67 -3.34 -17.44 -68.97
N THR C 68 -4.11 -18.53 -68.93
CA THR C 68 -5.44 -18.56 -69.51
C THR C 68 -6.47 -18.38 -68.41
N PRO C 69 -7.00 -17.15 -68.29
CA PRO C 69 -7.90 -16.76 -67.19
C PRO C 69 -9.14 -17.65 -67.09
N ALA C 70 -9.73 -17.98 -68.23
CA ALA C 70 -10.94 -18.79 -68.27
C ALA C 70 -10.74 -20.14 -67.59
N ALA C 71 -9.53 -20.69 -67.72
CA ALA C 71 -9.20 -21.95 -67.08
C ALA C 71 -9.24 -21.81 -65.56
N TRP C 72 -8.57 -20.80 -65.04
CA TRP C 72 -8.56 -20.55 -63.60
C TRP C 72 -9.93 -20.08 -63.12
N THR C 73 -10.66 -19.40 -64.00
CA THR C 73 -12.00 -18.92 -63.67
C THR C 73 -12.96 -20.09 -63.44
N ALA C 74 -12.85 -21.11 -64.27
CA ALA C 74 -13.71 -22.29 -64.18
C ALA C 74 -13.54 -23.01 -62.84
N LEU C 75 -12.42 -22.77 -62.17
CA LEU C 75 -12.17 -23.32 -60.86
C LEU C 75 -12.44 -22.29 -59.76
N GLY C 76 -13.14 -21.22 -60.14
CA GLY C 76 -13.51 -20.18 -59.21
C GLY C 76 -12.33 -19.43 -58.61
N ILE C 77 -11.33 -19.16 -59.43
CA ILE C 77 -10.15 -18.43 -58.97
C ILE C 77 -10.11 -17.03 -59.58
N ASP C 78 -10.03 -16.03 -58.70
CA ASP C 78 -10.12 -14.64 -59.13
C ASP C 78 -8.76 -14.05 -59.50
N ALA C 79 -7.69 -14.62 -58.95
CA ALA C 79 -6.34 -14.15 -59.23
C ALA C 79 -5.31 -15.25 -58.99
N VAL C 80 -4.21 -15.19 -59.72
CA VAL C 80 -3.13 -16.17 -59.55
C VAL C 80 -1.77 -15.49 -59.45
N VAL C 81 -0.79 -16.20 -58.90
CA VAL C 81 0.57 -15.67 -58.79
C VAL C 81 1.57 -16.55 -59.54
N VAL C 82 2.26 -15.96 -60.49
CA VAL C 82 3.32 -16.65 -61.22
C VAL C 82 4.66 -16.00 -60.88
N GLY C 83 5.73 -16.78 -60.93
CA GLY C 83 7.03 -16.27 -60.52
C GLY C 83 8.22 -16.99 -61.15
N GLN C 84 9.36 -16.32 -61.13
CA GLN C 84 10.60 -16.88 -61.68
C GLN C 84 11.78 -16.58 -60.77
N VAL C 85 12.29 -17.60 -60.09
CA VAL C 85 13.47 -17.44 -59.25
C VAL C 85 14.72 -17.85 -60.02
N GLN C 86 15.72 -16.98 -60.04
CA GLN C 86 16.93 -17.23 -60.81
C GLN C 86 18.20 -16.97 -60.00
N PRO C 87 19.13 -17.93 -60.04
CA PRO C 87 20.43 -17.78 -59.37
C PRO C 87 21.33 -16.79 -60.09
N SER C 88 21.90 -15.85 -59.34
CA SER C 88 22.91 -14.96 -59.90
C SER C 88 24.28 -15.62 -59.79
N ALA C 89 25.27 -15.07 -60.49
CA ALA C 89 26.63 -15.58 -60.37
C ALA C 89 27.28 -15.00 -59.11
N ASP C 90 26.53 -14.14 -58.44
CA ASP C 90 26.89 -13.66 -57.11
C ASP C 90 26.73 -14.82 -56.12
N GLY C 91 25.84 -15.74 -56.47
CA GLY C 91 25.38 -16.76 -55.55
C GLY C 91 24.02 -16.31 -55.07
N SER C 92 23.74 -15.04 -55.33
CA SER C 92 22.47 -14.43 -54.99
C SER C 92 21.36 -14.91 -55.90
N TYR C 93 20.13 -14.50 -55.62
CA TYR C 93 18.99 -14.91 -56.41
C TYR C 93 18.10 -13.71 -56.74
N VAL C 94 17.62 -13.66 -57.99
CA VAL C 94 16.67 -12.63 -58.40
C VAL C 94 15.26 -13.23 -58.41
N VAL C 95 14.53 -12.99 -57.34
CA VAL C 95 13.17 -13.50 -57.21
C VAL C 95 12.15 -12.47 -57.71
N SER C 96 11.30 -12.88 -58.64
CA SER C 96 10.29 -12.00 -59.19
C SER C 96 8.92 -12.67 -59.23
N TYR C 97 7.85 -11.87 -59.22
CA TYR C 97 6.50 -12.40 -59.30
C TYR C 97 5.62 -11.54 -60.19
N GLN C 98 4.41 -12.06 -60.47
CA GLN C 98 3.40 -11.31 -61.19
C GLN C 98 2.01 -11.64 -60.64
N LEU C 99 1.26 -10.62 -60.26
CA LEU C 99 -0.10 -10.82 -59.77
C LEU C 99 -1.08 -10.44 -60.86
N VAL C 100 -1.67 -11.45 -61.50
CA VAL C 100 -2.56 -11.20 -62.63
C VAL C 100 -3.99 -11.64 -62.32
N ASP C 101 -4.95 -10.90 -62.85
CA ASP C 101 -6.35 -11.24 -62.67
C ASP C 101 -6.77 -12.32 -63.65
N THR C 102 -7.58 -13.25 -63.18
CA THR C 102 -8.17 -14.26 -64.04
C THR C 102 -9.61 -13.88 -64.33
N SER C 103 -9.88 -12.58 -64.28
CA SER C 103 -11.22 -12.05 -64.50
C SER C 103 -11.26 -11.16 -65.74
N GLY C 104 -10.56 -11.58 -66.79
CA GLY C 104 -10.52 -10.82 -68.03
C GLY C 104 -10.34 -11.71 -69.24
N SER C 105 -10.22 -11.10 -70.42
CA SER C 105 -9.96 -11.86 -71.63
C SER C 105 -8.52 -12.35 -71.66
N ALA C 106 -7.66 -11.67 -70.91
CA ALA C 106 -6.25 -12.06 -70.81
C ALA C 106 -5.68 -11.53 -69.50
N GLY C 107 -4.43 -11.89 -69.21
CA GLY C 107 -3.82 -11.52 -67.95
C GLY C 107 -3.46 -10.07 -67.84
N SER C 108 -4.09 -9.36 -66.90
CA SER C 108 -3.66 -7.99 -66.60
C SER C 108 -2.94 -7.99 -65.25
N ILE C 109 -1.71 -7.52 -65.26
CA ILE C 109 -0.85 -7.57 -64.09
C ILE C 109 -1.27 -6.54 -63.04
N LEU C 110 -1.86 -7.03 -61.96
CA LEU C 110 -2.25 -6.21 -60.81
C LEU C 110 -1.02 -5.67 -60.08
N ALA C 111 -0.21 -6.59 -59.54
CA ALA C 111 1.04 -6.23 -58.87
C ALA C 111 2.21 -7.04 -59.42
N GLN C 112 3.40 -6.45 -59.41
CA GLN C 112 4.59 -7.08 -59.97
C GLN C 112 5.86 -6.49 -59.37
N ASN C 113 6.82 -7.34 -59.01
CA ASN C 113 8.07 -6.86 -58.47
C ASN C 113 9.22 -7.84 -58.64
N GLN C 114 10.43 -7.36 -58.39
CA GLN C 114 11.63 -8.18 -58.47
C GLN C 114 12.51 -7.91 -57.25
N TYR C 115 13.12 -8.96 -56.71
CA TYR C 115 14.01 -8.79 -55.56
C TYR C 115 15.32 -9.54 -55.77
N LYS C 116 16.42 -8.92 -55.36
CA LYS C 116 17.72 -9.56 -55.43
C LYS C 116 18.19 -9.90 -54.01
N VAL C 117 18.06 -11.17 -53.64
CA VAL C 117 18.37 -11.60 -52.28
C VAL C 117 19.33 -12.78 -52.26
N THR C 118 19.93 -13.02 -51.10
CA THR C 118 20.86 -14.13 -50.92
C THR C 118 20.13 -15.33 -50.33
N LYS C 119 20.90 -16.38 -50.02
CA LYS C 119 20.37 -17.59 -49.42
C LYS C 119 19.57 -17.30 -48.15
N GLN C 120 20.16 -16.49 -47.28
CA GLN C 120 19.55 -16.14 -46.00
C GLN C 120 18.22 -15.42 -46.15
N TRP C 121 18.17 -14.46 -47.07
CA TRP C 121 16.99 -13.61 -47.22
C TRP C 121 16.03 -14.10 -48.32
N LEU C 122 16.02 -15.41 -48.56
CA LEU C 122 15.15 -15.96 -49.59
C LEU C 122 13.71 -16.08 -49.11
N ARG C 123 13.53 -16.49 -47.85
CA ARG C 123 12.19 -16.57 -47.27
C ARG C 123 11.60 -15.19 -47.08
N TYR C 124 12.47 -14.21 -46.84
CA TYR C 124 12.05 -12.84 -46.62
C TYR C 124 11.36 -12.26 -47.86
N SER C 125 12.00 -12.45 -49.01
CA SER C 125 11.43 -12.00 -50.28
C SER C 125 10.16 -12.77 -50.62
N ALA C 126 10.07 -13.99 -50.10
CA ALA C 126 8.90 -14.83 -50.33
C ALA C 126 7.71 -14.37 -49.49
N HIS C 127 7.99 -13.88 -48.29
CA HIS C 127 6.96 -13.28 -47.45
C HIS C 127 6.59 -11.91 -47.99
N THR C 128 7.53 -11.29 -48.71
CA THR C 128 7.32 -9.98 -49.29
C THR C 128 6.37 -10.07 -50.48
N VAL C 129 6.49 -11.15 -51.26
CA VAL C 129 5.55 -11.44 -52.33
C VAL C 129 4.17 -11.69 -51.73
N SER C 130 4.15 -12.43 -50.63
CA SER C 130 2.91 -12.72 -49.92
C SER C 130 2.27 -11.43 -49.42
N ASP C 131 3.09 -10.53 -48.87
CA ASP C 131 2.62 -9.26 -48.36
C ASP C 131 2.06 -8.37 -49.46
N GLU C 132 2.78 -8.26 -50.57
CA GLU C 132 2.36 -7.43 -51.69
C GLU C 132 1.09 -7.96 -52.35
N VAL C 133 0.90 -9.27 -52.26
CA VAL C 133 -0.33 -9.89 -52.80
C VAL C 133 -1.48 -9.77 -51.80
N PHE C 134 -1.17 -9.97 -50.53
CA PHE C 134 -2.17 -9.91 -49.46
C PHE C 134 -2.83 -8.53 -49.38
N GLU C 135 -2.06 -7.48 -49.66
CA GLU C 135 -2.55 -6.11 -49.56
C GLU C 135 -3.55 -5.77 -50.67
N LYS C 136 -3.17 -6.04 -51.91
CA LYS C 136 -4.02 -5.72 -53.05
C LYS C 136 -5.32 -6.48 -53.05
N LEU C 137 -5.26 -7.74 -52.67
CA LEU C 137 -6.44 -8.55 -52.49
C LEU C 137 -7.36 -8.19 -51.31
N THR C 138 -6.80 -7.81 -50.18
CA THR C 138 -7.63 -7.50 -49.02
C THR C 138 -7.71 -6.04 -48.60
N GLY C 139 -6.75 -5.25 -49.00
CA GLY C 139 -6.68 -3.88 -48.55
C GLY C 139 -6.03 -3.76 -47.18
N ILE C 140 -5.59 -4.88 -46.63
CA ILE C 140 -5.06 -4.94 -45.28
C ILE C 140 -3.57 -5.16 -45.35
N LYS C 141 -2.83 -4.48 -44.49
CA LYS C 141 -1.38 -4.64 -44.45
C LYS C 141 -0.98 -6.03 -44.00
N GLY C 142 0.18 -6.48 -44.44
CA GLY C 142 0.64 -7.82 -44.17
C GLY C 142 1.77 -7.95 -43.17
N ALA C 143 1.65 -8.95 -42.31
CA ALA C 143 2.63 -9.25 -41.29
C ALA C 143 3.45 -10.51 -41.56
N PHE C 144 3.49 -10.95 -42.80
CA PHE C 144 4.22 -12.16 -43.16
C PHE C 144 5.72 -12.01 -42.96
N ARG C 145 6.16 -10.76 -42.87
CA ARG C 145 7.57 -10.44 -42.63
C ARG C 145 7.88 -10.17 -41.16
N THR C 146 6.97 -10.55 -40.28
CA THR C 146 7.13 -10.29 -38.85
C THR C 146 7.69 -11.48 -38.08
N ARG C 147 8.57 -11.19 -37.13
CA ARG C 147 9.07 -12.20 -36.21
C ARG C 147 8.27 -12.20 -34.91
N ILE C 148 8.43 -13.24 -34.10
CA ILE C 148 7.77 -13.33 -32.81
C ILE C 148 8.75 -13.70 -31.71
N ALA C 149 8.54 -13.16 -30.51
CA ALA C 149 9.34 -13.52 -29.36
C ALA C 149 8.56 -14.46 -28.45
N TYR C 150 9.28 -15.36 -27.78
CA TYR C 150 8.65 -16.30 -26.86
C TYR C 150 9.68 -16.90 -25.90
N VAL C 151 9.19 -17.44 -24.79
CA VAL C 151 10.05 -18.04 -23.78
C VAL C 151 9.96 -19.56 -23.84
N VAL C 152 11.11 -20.22 -23.78
CA VAL C 152 11.14 -21.68 -23.77
C VAL C 152 11.78 -22.20 -22.49
N LYS C 153 11.03 -23.00 -21.74
CA LYS C 153 11.58 -23.67 -20.58
C LYS C 153 11.96 -25.08 -20.96
N THR C 154 13.22 -25.26 -21.36
CA THR C 154 13.70 -26.57 -21.80
C THR C 154 13.59 -27.61 -20.70
N ASN C 155 13.51 -28.88 -21.11
CA ASN C 155 13.30 -29.98 -20.18
C ASN C 155 14.51 -30.27 -19.30
N GLY C 156 15.62 -29.59 -19.57
CA GLY C 156 16.83 -29.78 -18.80
C GLY C 156 17.93 -28.81 -19.17
N GLY C 157 19.09 -28.99 -18.54
CA GLY C 157 20.23 -28.13 -18.80
C GLY C 157 20.54 -27.21 -17.62
N LYS C 158 21.77 -26.71 -17.57
CA LYS C 158 22.17 -25.80 -16.51
C LYS C 158 21.45 -24.46 -16.66
N PHE C 159 21.21 -24.07 -17.91
CA PHE C 159 20.44 -22.86 -18.20
C PHE C 159 19.13 -23.24 -18.90
N PRO C 160 18.06 -23.50 -18.11
CA PRO C 160 16.80 -23.97 -18.67
C PRO C 160 15.77 -22.88 -18.97
N HIS C 161 16.22 -21.66 -19.19
CA HIS C 161 15.30 -20.61 -19.63
C HIS C 161 15.87 -19.87 -20.81
N GLU C 162 15.16 -19.90 -21.92
CA GLU C 162 15.62 -19.27 -23.14
C GLU C 162 14.60 -18.28 -23.73
N LEU C 163 15.10 -17.10 -24.10
CA LEU C 163 14.32 -16.16 -24.88
C LEU C 163 14.64 -16.35 -26.36
N ARG C 164 13.62 -16.64 -27.16
CA ARG C 164 13.84 -16.92 -28.57
C ARG C 164 13.02 -16.03 -29.48
N VAL C 165 13.49 -15.88 -30.72
CA VAL C 165 12.76 -15.14 -31.74
C VAL C 165 12.74 -15.92 -33.04
N SER C 166 11.58 -16.03 -33.65
CA SER C 166 11.46 -16.68 -34.94
C SER C 166 10.46 -15.92 -35.79
N ASP C 167 10.51 -16.16 -37.10
CA ASP C 167 9.51 -15.59 -38.00
C ASP C 167 8.14 -16.08 -37.57
N TYR C 168 7.10 -15.40 -38.05
CA TYR C 168 5.73 -15.73 -37.65
C TYR C 168 5.39 -17.20 -37.89
N ASP C 169 6.11 -17.84 -38.82
CA ASP C 169 5.81 -19.22 -39.19
C ASP C 169 6.76 -20.25 -38.56
N GLY C 170 7.78 -19.79 -37.86
CA GLY C 170 8.65 -20.70 -37.11
C GLY C 170 10.07 -20.86 -37.61
N TYR C 171 10.32 -20.48 -38.86
CA TYR C 171 11.66 -20.58 -39.42
C TYR C 171 12.60 -19.54 -38.82
N ASN C 172 13.91 -19.75 -39.04
CA ASN C 172 14.95 -18.86 -38.55
C ASN C 172 14.83 -18.61 -37.05
N GLN C 173 14.47 -19.65 -36.31
CA GLN C 173 14.34 -19.58 -34.87
C GLN C 173 15.71 -19.52 -34.20
N PHE C 174 15.94 -18.48 -33.41
CA PHE C 174 17.23 -18.31 -32.76
C PHE C 174 17.09 -17.74 -31.35
N VAL C 175 18.06 -18.06 -30.49
CA VAL C 175 18.00 -17.70 -29.08
C VAL C 175 18.55 -16.30 -28.82
N VAL C 176 17.88 -15.57 -27.93
CA VAL C 176 18.33 -14.23 -27.53
C VAL C 176 19.09 -14.29 -26.21
N HIS C 177 18.51 -14.93 -25.21
CA HIS C 177 19.14 -14.99 -23.89
C HIS C 177 18.84 -16.30 -23.16
N ARG C 178 19.90 -17.01 -22.77
CA ARG C 178 19.78 -18.23 -21.97
C ARG C 178 19.94 -17.91 -20.49
N SER C 179 19.18 -18.60 -19.64
CA SER C 179 19.18 -18.29 -18.22
C SER C 179 18.92 -19.50 -17.33
N PRO C 180 19.62 -19.53 -16.20
CA PRO C 180 19.36 -20.41 -15.07
C PRO C 180 18.03 -20.14 -14.39
N GLU C 181 17.68 -18.86 -14.31
CA GLU C 181 16.49 -18.44 -13.62
C GLU C 181 15.46 -17.83 -14.56
N PRO C 182 14.12 -18.04 -14.18
CA PRO C 182 13.15 -17.63 -15.21
C PRO C 182 13.12 -16.19 -15.67
N LEU C 183 12.81 -16.03 -16.95
CA LEU C 183 12.60 -14.74 -17.58
C LEU C 183 11.16 -14.67 -18.09
N SER C 185 7.59 -12.03 -19.55
CA SER C 185 7.04 -10.81 -20.13
C SER C 185 7.80 -10.06 -21.24
N PRO C 186 8.21 -10.74 -22.31
CA PRO C 186 8.96 -10.05 -23.37
C PRO C 186 8.08 -9.05 -24.13
N ALA C 187 8.67 -7.92 -24.53
CA ALA C 187 7.92 -6.90 -25.27
C ALA C 187 8.77 -6.25 -26.36
N TRP C 188 8.19 -6.05 -27.53
CA TRP C 188 8.89 -5.44 -28.66
C TRP C 188 8.76 -3.91 -28.65
N SER C 189 9.73 -3.26 -29.28
CA SER C 189 9.66 -1.82 -29.53
C SER C 189 8.76 -1.56 -30.73
N PRO C 190 8.26 -0.32 -30.89
CA PRO C 190 7.45 -0.01 -32.06
C PRO C 190 8.21 -0.18 -33.37
N ASP C 191 9.53 -0.15 -33.29
CA ASP C 191 10.38 -0.43 -34.45
C ASP C 191 10.91 -1.86 -34.38
N GLY C 192 10.59 -2.54 -33.28
CA GLY C 192 10.93 -3.95 -33.11
C GLY C 192 12.42 -4.24 -33.11
N SER C 193 13.22 -3.29 -32.66
CA SER C 193 14.67 -3.45 -32.65
C SER C 193 15.16 -3.93 -31.28
N LYS C 194 14.38 -3.64 -30.24
CA LYS C 194 14.73 -4.04 -28.89
C LYS C 194 13.64 -4.91 -28.27
N ILE C 195 14.06 -5.81 -27.39
CA ILE C 195 13.11 -6.62 -26.63
C ILE C 195 13.32 -6.42 -25.13
N ALA C 196 12.33 -5.83 -24.47
CA ALA C 196 12.37 -5.67 -23.03
C ALA C 196 11.76 -6.87 -22.34
N TYR C 197 12.32 -7.26 -21.20
CA TYR C 197 11.84 -8.44 -20.49
C TYR C 197 12.30 -8.46 -19.03
N VAL C 198 11.79 -9.42 -18.28
CA VAL C 198 12.11 -9.56 -16.86
C VAL C 198 13.06 -10.74 -16.66
N THR C 199 14.05 -10.57 -15.78
CA THR C 199 14.96 -11.65 -15.46
C THR C 199 15.07 -11.85 -13.95
N PHE C 200 15.46 -13.05 -13.54
CA PHE C 200 15.63 -13.37 -12.12
C PHE C 200 17.05 -13.86 -11.85
N GLU C 201 17.99 -13.45 -12.70
CA GLU C 201 19.37 -13.92 -12.62
C GLU C 201 20.21 -13.12 -11.62
N SER C 202 19.59 -12.15 -10.97
CA SER C 202 20.25 -11.43 -9.88
C SER C 202 19.93 -12.11 -8.56
N GLY C 203 18.98 -13.04 -8.62
CA GLY C 203 18.42 -13.66 -7.43
C GLY C 203 17.07 -13.01 -7.16
N LYS C 204 16.80 -11.94 -7.91
CA LYS C 204 15.55 -11.22 -7.81
C LYS C 204 15.13 -10.71 -9.19
N SER C 205 13.92 -10.19 -9.28
CA SER C 205 13.40 -9.66 -10.54
C SER C 205 14.07 -8.35 -10.94
N ALA C 206 14.21 -8.14 -12.24
CA ALA C 206 14.78 -6.92 -12.78
C ALA C 206 14.30 -6.71 -14.22
N LEU C 207 13.98 -5.47 -14.57
CA LEU C 207 13.51 -5.15 -15.91
C LEU C 207 14.68 -4.72 -16.80
N VAL C 208 14.87 -5.42 -17.91
CA VAL C 208 15.99 -5.15 -18.81
C VAL C 208 15.54 -4.94 -20.25
N ILE C 209 16.26 -4.11 -20.98
CA ILE C 209 16.00 -3.88 -22.40
C ILE C 209 17.19 -4.31 -23.24
N GLN C 210 17.06 -5.45 -23.93
CA GLN C 210 18.14 -5.93 -24.78
C GLN C 210 17.94 -5.50 -26.22
N THR C 211 19.03 -5.08 -26.86
CA THR C 211 19.02 -4.71 -28.26
C THR C 211 19.38 -5.94 -29.10
N LEU C 212 18.55 -6.23 -30.11
CA LEU C 212 18.75 -7.42 -30.93
C LEU C 212 20.02 -7.33 -31.78
N ALA C 213 20.29 -6.14 -32.30
CA ALA C 213 21.38 -5.94 -33.25
C ALA C 213 22.78 -6.24 -32.68
N ASN C 214 23.04 -5.82 -31.44
CA ASN C 214 24.38 -5.97 -30.88
C ASN C 214 24.40 -6.64 -29.51
N GLY C 215 23.23 -7.09 -29.05
CA GLY C 215 23.14 -7.87 -27.83
C GLY C 215 23.35 -7.08 -26.55
N ALA C 216 23.38 -5.76 -26.64
CA ALA C 216 23.51 -4.93 -25.46
C ALA C 216 22.27 -5.00 -24.60
N ILE C 217 22.47 -5.06 -23.29
CA ILE C 217 21.37 -5.11 -22.37
C ILE C 217 21.47 -3.95 -21.40
N ARG C 218 20.42 -3.18 -21.25
CA ARG C 218 20.47 -2.06 -20.34
C ARG C 218 19.47 -2.23 -19.21
N GLN C 219 19.94 -2.16 -17.98
CA GLN C 219 19.08 -2.29 -16.83
C GLN C 219 18.15 -1.09 -16.81
N VAL C 220 16.87 -1.32 -16.58
CA VAL C 220 15.96 -0.19 -16.49
C VAL C 220 15.39 0.00 -15.08
N ALA C 221 14.86 -1.06 -14.49
CA ALA C 221 14.35 -0.97 -13.12
C ALA C 221 15.02 -1.99 -12.22
N SER C 222 15.51 -1.55 -11.06
CA SER C 222 16.18 -2.45 -10.14
C SER C 222 15.59 -2.49 -8.73
N PHE C 223 14.35 -2.06 -8.58
CA PHE C 223 13.75 -1.84 -7.27
C PHE C 223 13.45 -3.09 -6.49
N PRO C 224 13.23 -2.88 -5.12
CA PRO C 224 12.90 -4.09 -4.37
C PRO C 224 11.62 -4.77 -4.79
N ARG C 225 11.55 -6.07 -4.57
CA ARG C 225 10.43 -6.89 -4.99
C ARG C 225 10.24 -6.95 -6.50
N HIS C 226 9.01 -6.75 -6.94
CA HIS C 226 8.66 -6.98 -8.34
C HIS C 226 8.94 -5.86 -9.31
N ASN C 227 9.60 -6.20 -10.40
CA ASN C 227 9.76 -5.32 -11.54
C ASN C 227 9.27 -6.02 -12.81
N GLY C 228 8.06 -5.72 -13.26
CA GLY C 228 7.50 -6.47 -14.37
C GLY C 228 6.47 -5.79 -15.25
N ALA C 229 5.91 -6.60 -16.15
CA ALA C 229 4.87 -6.20 -17.10
C ALA C 229 5.28 -5.04 -18.04
N PRO C 230 6.37 -5.22 -18.80
CA PRO C 230 6.81 -4.14 -19.69
C PRO C 230 5.98 -4.02 -20.96
N ALA C 231 5.91 -2.81 -21.49
CA ALA C 231 5.18 -2.54 -22.73
C ALA C 231 5.69 -1.25 -23.37
N PHE C 232 6.19 -1.36 -24.60
CA PHE C 232 6.72 -0.19 -25.32
C PHE C 232 5.61 0.67 -25.90
N SER C 233 5.77 1.98 -25.77
CA SER C 233 4.83 2.93 -26.33
C SER C 233 4.92 2.93 -27.86
N PRO C 234 3.76 2.91 -28.53
CA PRO C 234 3.63 2.95 -29.99
C PRO C 234 4.43 4.07 -30.65
N ASP C 235 4.49 5.24 -30.01
CA ASP C 235 5.24 6.37 -30.56
C ASP C 235 6.72 6.26 -30.21
N GLY C 236 7.06 5.30 -29.35
CA GLY C 236 8.44 4.98 -29.04
C GLY C 236 9.12 5.90 -28.05
N THR C 237 8.33 6.61 -27.26
CA THR C 237 8.87 7.56 -26.29
C THR C 237 8.68 7.11 -24.84
N LYS C 238 7.88 6.08 -24.65
CA LYS C 238 7.57 5.63 -23.29
C LYS C 238 7.62 4.12 -23.13
N LEU C 239 7.63 3.69 -21.87
CA LEU C 239 7.64 2.27 -21.53
C LEU C 239 6.79 2.02 -20.29
N ALA C 240 5.74 1.22 -20.44
CA ALA C 240 4.88 0.89 -19.31
C ALA C 240 5.41 -0.35 -18.59
N PHE C 241 5.26 -0.38 -17.27
CA PHE C 241 5.64 -1.54 -16.45
C PHE C 241 5.09 -1.43 -15.04
N ALA C 242 5.17 -2.51 -14.27
CA ALA C 242 4.59 -2.52 -12.94
C ALA C 242 5.61 -2.81 -11.84
N LEU C 243 5.43 -2.13 -10.70
CA LEU C 243 6.29 -2.31 -9.54
C LEU C 243 5.43 -2.57 -8.30
N SER C 244 5.98 -3.32 -7.35
CA SER C 244 5.28 -3.60 -6.10
C SER C 244 6.14 -3.21 -4.90
N LYS C 245 6.93 -2.15 -5.07
CA LYS C 245 7.81 -1.68 -4.01
C LYS C 245 7.02 -0.97 -2.91
N SER C 246 5.79 -0.57 -3.23
CA SER C 246 4.91 0.07 -2.26
C SER C 246 4.22 -0.98 -1.40
N GLY C 247 4.47 -2.26 -1.72
CA GLY C 247 3.79 -3.35 -1.06
C GLY C 247 2.74 -3.92 -1.99
N SER C 248 2.18 -3.04 -2.82
CA SER C 248 1.18 -3.45 -3.81
C SER C 248 1.65 -3.08 -5.23
N LEU C 249 1.10 -3.77 -6.22
CA LEU C 249 1.46 -3.53 -7.61
C LEU C 249 0.80 -2.27 -8.18
N ASN C 250 1.64 -1.36 -8.68
CA ASN C 250 1.15 -0.16 -9.35
C ASN C 250 1.77 -0.01 -10.72
N LEU C 251 1.21 0.87 -11.55
CA LEU C 251 1.72 1.11 -12.89
C LEU C 251 2.64 2.32 -12.93
N TYR C 252 3.87 2.12 -13.38
CA TYR C 252 4.82 3.21 -13.54
C TYR C 252 5.23 3.26 -15.01
N VAL C 253 5.23 4.45 -15.61
CA VAL C 253 5.74 4.58 -16.97
C VAL C 253 7.12 5.24 -16.97
N ASP C 255 9.79 7.58 -19.28
CA ASP C 255 10.08 8.37 -20.45
C ASP C 255 11.46 7.94 -20.88
N LEU C 256 11.54 7.40 -22.08
CA LEU C 256 12.79 6.82 -22.59
C LEU C 256 13.85 7.89 -22.86
N ALA C 257 13.42 9.07 -23.27
CA ALA C 257 14.36 10.15 -23.47
C ALA C 257 15.03 10.67 -22.20
N SER C 258 14.24 10.96 -21.18
CA SER C 258 14.74 11.34 -19.85
C SER C 258 15.36 10.22 -19.05
N GLY C 259 14.73 9.06 -19.12
CA GLY C 259 14.96 7.99 -18.18
C GLY C 259 14.10 8.20 -16.95
N GLN C 260 13.35 9.28 -16.93
CA GLN C 260 12.49 9.66 -15.83
C GLN C 260 11.32 8.70 -15.71
N ILE C 261 10.97 8.35 -14.48
CA ILE C 261 9.86 7.47 -14.22
C ILE C 261 8.81 8.16 -13.38
N SER C 262 7.56 8.09 -13.85
CA SER C 262 6.42 8.68 -13.15
C SER C 262 5.43 7.61 -12.73
N GLN C 263 4.95 7.71 -11.50
CA GLN C 263 3.94 6.78 -10.99
C GLN C 263 2.57 7.14 -11.55
N VAL C 264 1.85 6.13 -12.04
CA VAL C 264 0.55 6.34 -12.67
C VAL C 264 -0.60 5.93 -11.75
N THR C 265 -0.44 4.79 -11.07
CA THR C 265 -1.46 4.31 -10.13
C THR C 265 -0.92 4.25 -8.71
N ASP C 266 -1.82 4.30 -7.74
CA ASP C 266 -1.44 4.27 -6.32
C ASP C 266 -2.57 3.74 -5.46
N GLY C 267 -2.23 2.88 -4.50
CA GLY C 267 -3.21 2.31 -3.61
C GLY C 267 -2.86 0.92 -3.14
N ARG C 268 -3.76 0.30 -2.37
CA ARG C 268 -3.52 -1.01 -1.79
C ARG C 268 -3.77 -2.12 -2.82
N SER C 269 -4.58 -1.81 -3.82
CA SER C 269 -4.97 -2.76 -4.84
C SER C 269 -3.88 -3.11 -5.85
N ASN C 270 -4.04 -4.23 -6.53
CA ASN C 270 -3.09 -4.65 -7.55
C ASN C 270 -3.45 -4.16 -8.93
N ASN C 271 -2.54 -3.44 -9.54
CA ASN C 271 -2.74 -2.99 -10.91
C ASN C 271 -1.59 -3.40 -11.81
N THR C 272 -1.90 -4.10 -12.88
CA THR C 272 -0.87 -4.72 -13.70
C THR C 272 -1.31 -5.08 -15.12
N GLU C 273 -0.40 -5.64 -15.90
CA GLU C 273 -0.71 -6.08 -17.25
C GLU C 273 -1.23 -4.96 -18.16
N PRO C 274 -0.46 -3.89 -18.24
CA PRO C 274 -0.81 -2.71 -19.03
C PRO C 274 -0.69 -2.86 -20.54
N SER C 275 -1.41 -2.03 -21.29
CA SER C 275 -1.32 -1.99 -22.74
C SER C 275 -1.69 -0.61 -23.27
N TRP C 276 -0.87 -0.10 -24.19
CA TRP C 276 -1.07 1.24 -24.74
C TRP C 276 -2.21 1.31 -25.75
N PHE C 277 -2.78 2.50 -25.87
CA PHE C 277 -3.69 2.82 -26.96
C PHE C 277 -2.87 3.49 -28.07
N PRO C 278 -3.41 3.57 -29.29
CA PRO C 278 -2.67 4.19 -30.39
C PRO C 278 -2.18 5.60 -30.09
N ASP C 279 -2.88 6.32 -29.22
CA ASP C 279 -2.51 7.69 -28.87
C ASP C 279 -1.22 7.75 -28.05
N SER C 280 -0.85 6.63 -27.48
CA SER C 280 0.33 6.52 -26.65
C SER C 280 0.21 7.44 -25.46
N GLN C 281 -1.02 7.62 -25.01
CA GLN C 281 -1.27 8.35 -23.79
C GLN C 281 -2.10 7.52 -22.83
N ASN C 282 -2.88 6.61 -23.37
CA ASN C 282 -3.88 5.88 -22.61
C ASN C 282 -3.51 4.43 -22.40
N LEU C 283 -3.87 3.88 -21.25
CA LEU C 283 -3.51 2.53 -20.90
C LEU C 283 -4.71 1.68 -20.53
N ALA C 284 -4.72 0.44 -21.03
CA ALA C 284 -5.66 -0.58 -20.57
C ALA C 284 -4.90 -1.60 -19.74
N TYR C 285 -5.43 -1.94 -18.57
CA TYR C 285 -4.70 -2.81 -17.66
C TYR C 285 -5.62 -3.61 -16.76
N THR C 286 -5.03 -4.49 -15.95
CA THR C 286 -5.77 -5.31 -15.02
C THR C 286 -5.73 -4.74 -13.60
N SER C 287 -6.90 -4.58 -12.99
CA SER C 287 -6.99 -4.17 -11.60
C SER C 287 -7.98 -5.03 -10.83
N ASP C 288 -7.60 -5.37 -9.60
CA ASP C 288 -8.49 -6.15 -8.74
C ASP C 288 -9.14 -5.25 -7.69
N GLN C 289 -9.25 -3.96 -8.02
CA GLN C 289 -9.72 -2.97 -7.07
C GLN C 289 -11.20 -3.14 -6.77
N GLY C 290 -11.87 -3.96 -7.56
CA GLY C 290 -13.27 -4.29 -7.33
C GLY C 290 -13.48 -5.73 -6.94
N GLY C 291 -12.44 -6.36 -6.43
CA GLY C 291 -12.46 -7.79 -6.13
C GLY C 291 -11.79 -8.62 -7.20
N ARG C 292 -12.58 -9.38 -7.95
CA ARG C 292 -12.05 -10.22 -9.03
C ARG C 292 -11.51 -9.28 -10.08
N PRO C 293 -10.48 -9.71 -10.81
CA PRO C 293 -9.83 -8.78 -11.74
C PRO C 293 -10.73 -8.28 -12.86
N GLN C 294 -10.54 -7.02 -13.23
CA GLN C 294 -11.28 -6.44 -14.33
C GLN C 294 -10.35 -5.51 -15.11
N VAL C 295 -10.63 -5.29 -16.38
CA VAL C 295 -9.79 -4.41 -17.19
C VAL C 295 -10.23 -2.97 -17.07
N TYR C 296 -9.29 -2.10 -16.70
CA TYR C 296 -9.58 -0.68 -16.52
C TYR C 296 -8.81 0.15 -17.55
N LYS C 297 -9.22 1.41 -17.70
CA LYS C 297 -8.56 2.33 -18.63
C LYS C 297 -8.08 3.59 -17.92
N VAL C 298 -6.81 3.94 -18.12
CA VAL C 298 -6.22 5.10 -17.46
C VAL C 298 -5.33 5.92 -18.40
N ASN C 299 -5.50 7.23 -18.34
CA ASN C 299 -4.59 8.14 -19.02
C ASN C 299 -3.39 8.40 -18.13
N ILE C 300 -2.19 8.26 -18.68
CA ILE C 300 -0.96 8.35 -17.89
C ILE C 300 -0.72 9.75 -17.33
N ASN C 301 -1.19 10.74 -18.06
CA ASN C 301 -1.05 12.13 -17.69
C ASN C 301 -1.86 12.58 -16.47
N GLY C 302 -3.06 12.06 -16.35
CA GLY C 302 -3.94 12.47 -15.28
C GLY C 302 -5.14 11.58 -15.14
N GLY C 303 -5.98 11.89 -14.15
CA GLY C 303 -7.31 11.35 -14.05
C GLY C 303 -7.45 10.08 -13.28
N VAL C 304 -8.68 9.60 -13.18
CA VAL C 304 -9.00 8.40 -12.45
C VAL C 304 -9.42 7.29 -13.40
N PRO C 305 -8.84 6.12 -13.24
CA PRO C 305 -9.12 4.97 -14.11
C PRO C 305 -10.59 4.58 -14.16
N GLN C 306 -11.06 4.26 -15.36
CA GLN C 306 -12.44 3.82 -15.58
C GLN C 306 -12.46 2.38 -16.08
N ARG C 307 -13.31 1.57 -15.48
CA ARG C 307 -13.43 0.18 -15.86
C ARG C 307 -14.04 0.08 -17.25
N ILE C 308 -13.42 -0.74 -18.10
CA ILE C 308 -13.91 -0.91 -19.46
C ILE C 308 -14.38 -2.30 -19.85
N THR C 309 -14.37 -3.25 -18.92
CA THR C 309 -14.90 -4.57 -19.24
C THR C 309 -15.97 -4.97 -18.24
N TRP C 310 -17.15 -5.28 -18.75
CA TRP C 310 -18.31 -5.48 -17.90
C TRP C 310 -18.88 -6.88 -17.81
N GLU C 311 -18.92 -7.60 -18.93
CA GLU C 311 -19.46 -8.96 -18.93
C GLU C 311 -18.55 -9.96 -18.21
N GLY C 312 -19.17 -10.88 -17.48
CA GLY C 312 -18.45 -11.88 -16.70
C GLY C 312 -18.08 -11.41 -15.31
N SER C 313 -17.50 -12.31 -14.52
CA SER C 313 -17.11 -12.00 -13.15
C SER C 313 -15.65 -11.63 -13.06
N GLN C 314 -14.88 -12.00 -14.08
CA GLN C 314 -13.44 -11.79 -14.05
C GLN C 314 -12.83 -11.64 -15.46
N ASN C 315 -12.08 -10.56 -15.67
CA ASN C 315 -11.36 -10.33 -16.91
C ASN C 315 -9.96 -9.80 -16.63
N GLN C 316 -8.96 -10.26 -17.38
CA GLN C 316 -7.59 -9.86 -17.15
C GLN C 316 -6.69 -9.94 -18.37
N ASN C 317 -5.56 -9.27 -18.30
CA ASN C 317 -4.53 -9.38 -19.32
C ASN C 317 -4.91 -9.02 -20.75
N ALA C 318 -5.63 -7.92 -20.89
CA ALA C 318 -6.01 -7.36 -22.18
C ALA C 318 -4.84 -6.80 -22.98
N ASP C 319 -4.95 -6.93 -24.30
CA ASP C 319 -4.07 -6.20 -25.22
C ASP C 319 -4.92 -5.36 -26.17
N VAL C 320 -4.57 -4.09 -26.27
CA VAL C 320 -5.27 -3.19 -27.18
C VAL C 320 -4.82 -3.43 -28.61
N SER C 321 -5.79 -3.58 -29.51
CA SER C 321 -5.50 -3.80 -30.92
C SER C 321 -4.85 -2.59 -31.55
N PRO C 322 -4.04 -2.82 -32.60
CA PRO C 322 -3.37 -1.74 -33.35
C PRO C 322 -4.33 -0.65 -33.81
N ASP C 323 -5.43 -1.03 -34.46
CA ASP C 323 -6.39 -0.05 -34.95
C ASP C 323 -7.07 0.68 -33.79
N GLY C 324 -7.33 -0.05 -32.71
CA GLY C 324 -7.88 0.55 -31.51
C GLY C 324 -9.38 0.40 -31.35
N LYS C 325 -10.02 -0.28 -32.31
CA LYS C 325 -11.46 -0.46 -32.24
C LYS C 325 -11.86 -1.72 -31.48
N PHE C 326 -10.88 -2.43 -30.96
CA PHE C 326 -11.14 -3.56 -30.08
C PHE C 326 -9.91 -3.93 -29.26
N LEU C 327 -10.09 -4.87 -28.34
CA LEU C 327 -8.97 -5.36 -27.53
C LEU C 327 -9.10 -6.87 -27.35
N VAL C 328 -7.98 -7.51 -27.04
CA VAL C 328 -7.96 -8.95 -26.82
C VAL C 328 -7.48 -9.27 -25.41
N LEU C 329 -8.30 -10.00 -24.65
CA LEU C 329 -7.99 -10.30 -23.26
C LEU C 329 -8.12 -11.78 -22.92
N VAL C 330 -7.98 -12.08 -21.64
CA VAL C 330 -8.23 -13.41 -21.12
C VAL C 330 -9.41 -13.39 -20.16
N SER C 331 -10.50 -14.03 -20.55
CA SER C 331 -11.68 -14.13 -19.71
C SER C 331 -11.59 -15.33 -18.77
N SER C 332 -12.00 -15.16 -17.52
CA SER C 332 -11.88 -16.21 -16.52
C SER C 332 -13.22 -16.54 -15.86
N ASN C 333 -13.61 -17.81 -15.91
CA ASN C 333 -14.87 -18.24 -15.31
C ASN C 333 -14.95 -19.75 -15.09
N GLY C 334 -15.49 -20.13 -13.93
CA GLY C 334 -15.73 -21.53 -13.61
C GLY C 334 -14.51 -22.42 -13.69
N GLY C 335 -13.37 -21.88 -13.26
CA GLY C 335 -12.12 -22.60 -13.30
C GLY C 335 -11.57 -22.75 -14.71
N ALA C 336 -12.17 -22.03 -15.64
CA ALA C 336 -11.75 -22.07 -17.03
C ALA C 336 -11.43 -20.68 -17.55
N GLN C 337 -10.25 -20.53 -18.13
CA GLN C 337 -9.85 -19.26 -18.72
C GLN C 337 -9.62 -19.40 -20.23
N HIS C 338 -10.18 -18.47 -20.99
CA HIS C 338 -10.08 -18.49 -22.45
C HIS C 338 -9.67 -17.13 -22.98
N ILE C 339 -9.59 -17.03 -24.31
CA ILE C 339 -9.34 -15.74 -24.96
C ILE C 339 -10.66 -15.20 -25.51
N ALA C 340 -10.89 -13.90 -25.30
CA ALA C 340 -12.12 -13.28 -25.76
C ALA C 340 -11.85 -11.96 -26.48
N LYS C 341 -12.75 -11.60 -27.39
CA LYS C 341 -12.66 -10.34 -28.11
C LYS C 341 -13.59 -9.30 -27.48
N GLN C 342 -13.15 -8.05 -27.41
CA GLN C 342 -14.03 -7.00 -26.95
C GLN C 342 -14.08 -5.90 -27.96
N ASP C 343 -15.25 -5.67 -28.53
CA ASP C 343 -15.41 -4.58 -29.48
C ASP C 343 -15.54 -3.30 -28.71
N LEU C 344 -14.73 -2.34 -29.09
CA LEU C 344 -14.57 -1.12 -28.34
C LEU C 344 -15.58 -0.06 -28.70
N GLU C 345 -16.43 -0.34 -29.68
CA GLU C 345 -17.57 0.52 -29.88
C GLU C 345 -18.77 -0.17 -29.31
N THR C 346 -18.98 -1.40 -29.78
CA THR C 346 -20.12 -2.21 -29.41
C THR C 346 -20.10 -2.56 -27.95
N GLY C 347 -18.91 -2.86 -27.46
CA GLY C 347 -18.77 -3.48 -26.17
C GLY C 347 -19.12 -4.94 -26.28
N ALA C 348 -19.23 -5.43 -27.50
CA ALA C 348 -19.53 -6.83 -27.76
C ALA C 348 -18.38 -7.74 -27.37
N VAL C 349 -18.73 -8.90 -26.84
CA VAL C 349 -17.75 -9.91 -26.54
C VAL C 349 -18.05 -11.21 -27.27
N GLN C 350 -17.05 -11.71 -27.98
CA GLN C 350 -17.11 -13.05 -28.55
C GLN C 350 -15.89 -13.86 -28.10
N VAL C 351 -16.15 -15.05 -27.57
CA VAL C 351 -15.08 -15.93 -27.13
C VAL C 351 -14.49 -16.68 -28.31
N LEU C 352 -13.16 -16.61 -28.45
CA LEU C 352 -12.50 -17.17 -29.61
C LEU C 352 -12.03 -18.60 -29.36
N THR C 353 -11.61 -18.86 -28.13
CA THR C 353 -10.96 -20.14 -27.82
C THR C 353 -11.70 -20.95 -26.77
N ASP C 354 -11.53 -22.27 -26.86
CA ASP C 354 -12.02 -23.18 -25.84
C ASP C 354 -10.86 -24.06 -25.37
N THR C 355 -9.65 -23.56 -25.56
CA THR C 355 -8.44 -24.28 -25.16
C THR C 355 -8.18 -24.15 -23.66
N LEU C 356 -7.13 -24.81 -23.19
CA LEU C 356 -6.89 -24.94 -21.75
C LEU C 356 -5.85 -23.96 -21.21
N LEU C 357 -6.23 -23.19 -20.20
CA LEU C 357 -5.32 -22.25 -19.55
C LEU C 357 -4.62 -21.28 -20.49
N ASP C 358 -5.38 -20.64 -21.36
CA ASP C 358 -4.84 -19.69 -22.31
C ASP C 358 -4.24 -18.48 -21.62
N GLU C 359 -3.10 -18.00 -22.11
CA GLU C 359 -2.40 -16.90 -21.48
C GLU C 359 -1.76 -15.93 -22.46
N THR C 360 -1.56 -14.70 -22.05
CA THR C 360 -0.71 -13.73 -22.74
C THR C 360 -0.96 -13.44 -24.23
N PRO C 361 -2.29 -13.23 -24.61
CA PRO C 361 -2.48 -13.04 -26.06
C PRO C 361 -1.81 -11.81 -26.63
N SER C 362 -1.19 -11.96 -27.80
CA SER C 362 -0.57 -10.86 -28.49
C SER C 362 -1.17 -10.76 -29.89
N ILE C 363 -1.54 -9.56 -30.31
CA ILE C 363 -2.21 -9.42 -31.60
C ILE C 363 -1.29 -8.99 -32.73
N ALA C 364 -1.60 -9.46 -33.92
CA ALA C 364 -0.86 -9.11 -35.13
C ALA C 364 -0.91 -7.61 -35.39
N PRO C 365 0.13 -7.06 -36.06
CA PRO C 365 0.21 -5.63 -36.35
C PRO C 365 -0.96 -5.12 -37.19
N ASN C 366 -1.65 -6.01 -37.91
CA ASN C 366 -2.79 -5.60 -38.72
C ASN C 366 -4.11 -5.99 -38.06
N GLY C 367 -4.03 -6.76 -36.98
CA GLY C 367 -5.19 -7.08 -36.16
C GLY C 367 -6.11 -8.16 -36.71
N THR C 368 -5.54 -9.11 -37.43
CA THR C 368 -6.35 -10.18 -38.00
C THR C 368 -6.11 -11.51 -37.30
N VAL C 370 -4.36 -13.64 -33.81
CA VAL C 370 -3.92 -13.60 -32.43
C VAL C 370 -3.08 -14.82 -32.06
N ILE C 371 -1.95 -14.59 -31.42
CA ILE C 371 -1.13 -15.67 -30.93
C ILE C 371 -1.24 -15.70 -29.41
N TYR C 372 -1.27 -16.88 -28.82
CA TYR C 372 -1.41 -17.01 -27.38
C TYR C 372 -0.85 -18.33 -26.88
N SER C 373 -0.79 -18.48 -25.56
CA SER C 373 -0.31 -19.70 -24.96
C SER C 373 -1.41 -20.44 -24.23
N SER C 374 -1.39 -21.75 -24.33
CA SER C 374 -2.38 -22.60 -23.71
C SER C 374 -1.62 -23.77 -23.10
N THR C 375 -2.32 -24.69 -22.47
CA THR C 375 -1.65 -25.86 -21.93
C THR C 375 -2.06 -27.15 -22.62
N GLN C 376 -1.05 -27.91 -23.06
CA GLN C 376 -1.21 -29.25 -23.60
C GLN C 376 -0.17 -30.17 -22.95
N GLY C 377 -0.60 -31.34 -22.52
CA GLY C 377 0.23 -32.22 -21.72
C GLY C 377 0.63 -31.62 -20.39
N LEU C 378 1.91 -31.66 -20.06
CA LEU C 378 2.38 -31.08 -18.81
C LEU C 378 3.08 -29.74 -19.07
N GLY C 379 2.98 -29.26 -20.30
CA GLY C 379 3.63 -28.02 -20.69
C GLY C 379 2.70 -27.06 -21.42
N SER C 380 3.27 -25.98 -21.94
CA SER C 380 2.49 -24.95 -22.62
C SER C 380 2.72 -25.01 -24.13
N VAL C 381 1.65 -24.80 -24.90
CA VAL C 381 1.74 -24.85 -26.36
C VAL C 381 1.22 -23.55 -26.98
N LEU C 382 2.01 -22.97 -27.89
CA LEU C 382 1.60 -21.77 -28.60
C LEU C 382 0.42 -22.05 -29.53
N GLN C 383 -0.57 -21.16 -29.48
CA GLN C 383 -1.81 -21.33 -30.25
C GLN C 383 -2.12 -20.08 -31.07
N LEU C 384 -2.64 -20.29 -32.26
CA LEU C 384 -2.94 -19.18 -33.17
C LEU C 384 -4.42 -19.17 -33.55
N VAL C 385 -5.08 -18.04 -33.31
CA VAL C 385 -6.49 -17.89 -33.65
C VAL C 385 -6.76 -16.49 -34.20
N SER C 386 -7.59 -16.39 -35.23
CA SER C 386 -7.89 -15.11 -35.84
C SER C 386 -8.78 -14.27 -34.93
N THR C 387 -8.86 -12.97 -35.22
CA THR C 387 -9.65 -12.05 -34.42
C THR C 387 -11.15 -12.20 -34.71
N ASP C 388 -11.48 -12.84 -35.83
CA ASP C 388 -12.87 -13.17 -36.11
C ASP C 388 -13.21 -14.53 -35.52
N GLY C 389 -12.17 -15.27 -35.14
CA GLY C 389 -12.32 -16.50 -34.38
C GLY C 389 -12.60 -17.75 -35.19
N ARG C 390 -12.45 -17.66 -36.51
CA ARG C 390 -12.77 -18.79 -37.37
C ARG C 390 -11.53 -19.61 -37.75
N PHE C 391 -10.41 -18.92 -37.93
CA PHE C 391 -9.15 -19.59 -38.29
C PHE C 391 -8.37 -19.99 -37.04
N LYS C 392 -7.94 -21.25 -36.98
CA LYS C 392 -7.18 -21.74 -35.84
C LYS C 392 -5.98 -22.58 -36.29
N ALA C 393 -4.87 -22.46 -35.55
CA ALA C 393 -3.67 -23.22 -35.84
C ALA C 393 -2.76 -23.33 -34.62
N ARG C 394 -2.07 -24.46 -34.50
CA ARG C 394 -1.17 -24.70 -33.37
C ARG C 394 0.29 -24.56 -33.75
N LEU C 395 1.14 -24.43 -32.73
CA LEU C 395 2.59 -24.43 -32.93
C LEU C 395 3.25 -25.32 -31.89
N PRO C 396 3.83 -26.45 -32.33
CA PRO C 396 4.44 -27.44 -31.46
C PRO C 396 5.93 -27.20 -31.23
N ALA C 397 6.58 -28.10 -30.50
CA ALA C 397 8.01 -28.01 -30.25
C ALA C 397 8.59 -29.35 -29.83
N GLY C 400 10.53 -28.66 -24.81
CA GLY C 400 10.32 -27.85 -23.63
C GLY C 400 9.01 -27.11 -23.66
N GLN C 401 8.75 -26.30 -22.63
CA GLN C 401 7.53 -25.50 -22.54
C GLN C 401 7.69 -24.14 -23.20
N VAL C 402 6.72 -23.76 -24.03
CA VAL C 402 6.76 -22.49 -24.72
C VAL C 402 5.61 -21.57 -24.28
N LYS C 403 5.95 -20.37 -23.85
CA LYS C 403 4.98 -19.41 -23.34
C LYS C 403 5.41 -17.98 -23.59
N PHE C 404 4.61 -17.02 -23.14
CA PHE C 404 4.92 -15.60 -23.29
C PHE C 404 5.10 -15.04 -24.70
N PRO C 405 4.16 -15.46 -25.65
CA PRO C 405 4.43 -14.95 -27.01
C PRO C 405 4.21 -13.45 -27.19
N ALA C 406 5.07 -12.82 -27.97
CA ALA C 406 4.88 -11.42 -28.33
C ALA C 406 5.05 -11.20 -29.84
N TRP C 407 4.12 -10.46 -30.44
CA TRP C 407 4.11 -10.21 -31.88
C TRP C 407 4.79 -8.88 -32.21
N SER C 408 5.86 -8.95 -32.99
CA SER C 408 6.63 -7.76 -33.38
C SER C 408 5.83 -6.88 -34.33
N PRO C 409 6.24 -5.61 -34.48
CA PRO C 409 5.66 -4.74 -35.52
C PRO C 409 6.23 -5.07 -36.90
N TYR C 410 5.75 -4.38 -37.93
CA TYR C 410 6.19 -4.63 -39.30
C TYR C 410 7.70 -4.44 -39.44
N SER D 18 25.15 -37.66 25.38
CA SER D 18 24.59 -36.78 24.36
C SER D 18 24.92 -35.36 24.73
N ASN D 19 26.19 -35.03 24.70
CA ASN D 19 26.67 -33.71 25.04
C ASN D 19 27.22 -33.10 23.79
N LEU D 20 26.34 -32.59 22.96
CA LEU D 20 26.67 -32.14 21.64
C LEU D 20 27.47 -30.87 21.65
N SER D 21 28.42 -30.76 20.74
CA SER D 21 29.24 -29.59 20.67
C SER D 21 28.34 -28.47 20.20
N SER D 22 28.82 -27.24 20.33
CA SER D 22 28.06 -26.10 19.90
C SER D 22 27.83 -26.18 18.39
N GLU D 23 28.85 -26.64 17.68
CA GLU D 23 28.79 -26.80 16.24
C GLU D 23 27.74 -27.83 15.86
N GLU D 24 27.82 -29.01 16.46
CA GLU D 24 26.94 -30.11 16.10
C GLU D 24 25.50 -29.87 16.54
N GLN D 25 25.33 -29.22 17.68
CA GLN D 25 24.00 -28.88 18.17
C GLN D 25 23.33 -27.88 17.23
N ALA D 26 24.14 -27.05 16.58
CA ALA D 26 23.64 -26.04 15.67
C ALA D 26 23.61 -26.55 14.23
N ARG D 27 24.51 -27.47 13.90
CA ARG D 27 24.56 -28.04 12.56
C ARG D 27 23.34 -28.92 12.32
N LEU D 28 22.77 -29.44 13.39
CA LEU D 28 21.57 -30.26 13.29
C LEU D 28 20.31 -29.38 13.23
N GLN D 29 20.43 -28.16 13.76
CA GLN D 29 19.34 -27.20 13.71
C GLN D 29 19.03 -26.82 12.27
N GLN D 31 19.82 -28.50 9.36
CA GLN D 31 19.31 -29.63 8.60
C GLN D 31 17.80 -29.78 8.75
N GLU D 32 17.32 -29.68 9.99
CA GLU D 32 15.90 -29.80 10.29
C GLU D 32 15.11 -28.64 9.71
N LEU D 33 15.71 -27.45 9.72
CA LEU D 33 15.07 -26.26 9.17
C LEU D 33 14.84 -26.41 7.67
N GLN D 34 15.83 -26.95 6.98
CA GLN D 34 15.73 -27.14 5.54
C GLN D 34 14.85 -28.34 5.21
N LYS D 35 14.50 -29.11 6.24
CA LYS D 35 13.52 -30.17 6.11
C LYS D 35 12.11 -29.60 6.23
N ASN D 36 11.97 -28.59 7.10
CA ASN D 36 10.71 -27.88 7.28
C ASN D 36 10.84 -26.43 6.86
N ASN D 37 10.83 -26.19 5.55
CA ASN D 37 11.08 -24.85 5.03
C ASN D 37 10.01 -24.37 4.05
N ILE D 38 8.87 -25.04 4.03
CA ILE D 38 7.81 -24.73 3.08
C ILE D 38 6.44 -24.62 3.75
N VAL D 39 5.82 -23.45 3.60
CA VAL D 39 4.46 -23.23 4.08
C VAL D 39 3.47 -23.47 2.94
N TYR D 40 2.44 -24.24 3.20
CA TYR D 40 1.46 -24.53 2.16
C TYR D 40 0.16 -23.76 2.39
N PHE D 41 -0.54 -23.49 1.30
CA PHE D 41 -1.76 -22.68 1.35
C PHE D 41 -2.93 -23.35 0.65
N GLY D 42 -4.14 -22.90 0.96
CA GLY D 42 -5.33 -23.35 0.26
C GLY D 42 -5.44 -22.63 -1.06
N PHE D 43 -6.42 -23.01 -1.87
CA PHE D 43 -6.61 -22.38 -3.17
C PHE D 43 -6.97 -20.90 -3.03
N ASP D 44 -6.09 -20.04 -3.52
CA ASP D 44 -6.25 -18.59 -3.45
C ASP D 44 -6.36 -18.12 -2.00
N LYS D 45 -5.46 -18.60 -1.17
CA LYS D 45 -5.41 -18.22 0.24
C LYS D 45 -3.99 -17.86 0.67
N TYR D 46 -3.83 -16.70 1.30
CA TYR D 46 -2.54 -16.30 1.84
C TYR D 46 -2.57 -16.37 3.36
N ASP D 47 -3.37 -17.31 3.87
CA ASP D 47 -3.54 -17.50 5.30
C ASP D 47 -2.59 -18.58 5.84
N ILE D 48 -2.02 -18.32 7.01
CA ILE D 48 -1.14 -19.28 7.67
C ILE D 48 -1.90 -20.08 8.73
N GLY D 49 -2.09 -21.38 8.45
CA GLY D 49 -2.81 -22.24 9.36
C GLY D 49 -2.04 -22.54 10.63
N SER D 50 -2.77 -22.89 11.69
CA SER D 50 -2.17 -23.16 12.99
C SER D 50 -1.19 -24.33 12.96
N ASP D 51 -1.42 -25.26 12.04
CA ASP D 51 -0.55 -26.42 11.90
C ASP D 51 0.84 -26.03 11.43
N PHE D 52 0.97 -24.84 10.87
CA PHE D 52 2.25 -24.33 10.39
C PHE D 52 2.90 -23.38 11.39
N ALA D 53 2.25 -23.19 12.54
CA ALA D 53 2.75 -22.26 13.55
C ALA D 53 4.00 -22.78 14.25
N GLN D 54 4.06 -24.08 14.47
CA GLN D 54 5.20 -24.69 15.15
C GLN D 54 6.44 -24.71 14.27
N LEU D 56 7.26 -22.83 11.86
CA LEU D 56 7.77 -21.50 11.56
C LEU D 56 8.39 -20.83 12.78
N ASP D 57 8.22 -21.45 13.95
CA ASP D 57 8.77 -20.92 15.19
C ASP D 57 10.29 -21.13 15.28
N ALA D 58 10.75 -22.27 14.77
CA ALA D 58 12.17 -22.62 14.85
C ALA D 58 13.06 -21.70 14.00
N HIS D 59 12.53 -21.26 12.85
CA HIS D 59 13.28 -20.39 11.96
C HIS D 59 13.57 -19.04 12.61
N ALA D 60 12.58 -18.50 13.31
CA ALA D 60 12.70 -17.19 13.95
C ALA D 60 13.79 -17.19 15.02
N ALA D 61 13.82 -18.24 15.83
CA ALA D 61 14.81 -18.38 16.90
C ALA D 61 16.22 -18.37 16.34
N PHE D 62 16.41 -19.03 15.20
CA PHE D 62 17.70 -19.01 14.51
C PHE D 62 18.05 -17.60 14.05
N LEU D 63 17.10 -16.94 13.41
CA LEU D 63 17.29 -15.58 12.92
C LEU D 63 17.54 -14.62 14.07
N ARG D 64 16.97 -14.92 15.23
CA ARG D 64 17.19 -14.14 16.43
C ARG D 64 18.62 -14.32 16.95
N SER D 65 19.07 -15.58 16.98
CA SER D 65 20.41 -15.90 17.42
C SER D 65 21.46 -15.38 16.44
N ASN D 66 21.07 -15.30 15.18
CA ASN D 66 21.97 -14.83 14.13
C ASN D 66 21.41 -13.63 13.37
N PRO D 67 21.70 -12.42 13.87
CA PRO D 67 21.30 -11.18 13.18
C PRO D 67 22.10 -10.98 11.90
N SER D 68 23.20 -11.71 11.79
CA SER D 68 24.09 -11.61 10.64
C SER D 68 23.57 -12.41 9.45
N ASP D 69 22.64 -13.33 9.70
CA ASP D 69 22.11 -14.18 8.63
C ASP D 69 20.90 -13.56 7.93
N LYS D 70 20.74 -13.91 6.67
CA LYS D 70 19.65 -13.41 5.84
C LYS D 70 18.75 -14.55 5.39
N VAL D 71 17.45 -14.28 5.25
CA VAL D 71 16.52 -15.26 4.72
C VAL D 71 15.78 -14.67 3.52
N VAL D 72 15.39 -15.54 2.59
CA VAL D 72 14.62 -15.12 1.43
C VAL D 72 13.34 -15.93 1.31
N VAL D 73 12.21 -15.25 1.30
CA VAL D 73 10.92 -15.92 1.26
C VAL D 73 10.36 -15.93 -0.16
N GLU D 74 10.44 -17.09 -0.81
CA GLU D 74 9.90 -17.25 -2.16
C GLU D 74 8.43 -17.65 -2.11
N GLY D 75 7.58 -16.97 -2.87
CA GLY D 75 6.16 -17.26 -2.91
C GLY D 75 5.67 -17.66 -4.28
N HIS D 76 4.76 -18.63 -4.34
CA HIS D 76 4.26 -19.16 -5.60
C HIS D 76 2.75 -19.32 -5.64
N ALA D 77 2.20 -19.39 -6.84
CA ALA D 77 0.79 -19.68 -7.05
C ALA D 77 0.62 -20.82 -8.04
N ASP D 78 -0.55 -21.46 -8.10
CA ASP D 78 -0.81 -22.48 -9.14
C ASP D 78 -1.15 -21.91 -10.53
N GLU D 79 -0.95 -22.73 -11.56
CA GLU D 79 -1.05 -22.34 -12.96
C GLU D 79 -2.40 -21.75 -13.39
N ARG D 80 -3.36 -21.68 -12.46
CA ARG D 80 -4.62 -21.02 -12.75
C ARG D 80 -4.40 -19.52 -12.82
N GLY D 81 -5.08 -18.87 -13.76
CA GLY D 81 -4.94 -17.43 -13.94
C GLY D 81 -3.84 -17.03 -14.90
N THR D 82 -3.52 -15.74 -14.90
CA THR D 82 -2.52 -15.18 -15.80
C THR D 82 -1.23 -14.90 -15.04
N PRO D 83 -0.07 -15.01 -15.73
CA PRO D 83 1.26 -14.90 -15.11
C PRO D 83 1.50 -13.70 -14.20
N GLU D 84 1.37 -12.48 -14.74
CA GLU D 84 1.72 -11.29 -13.99
C GLU D 84 0.83 -11.09 -12.76
N TYR D 85 -0.46 -11.35 -12.90
CA TYR D 85 -1.37 -11.20 -11.77
C TYR D 85 -1.12 -12.28 -10.72
N ASN D 86 -0.58 -13.43 -11.16
CA ASN D 86 -0.21 -14.50 -10.26
C ASN D 86 0.91 -14.10 -9.29
N ILE D 87 1.73 -13.13 -9.70
CA ILE D 87 2.82 -12.62 -8.87
C ILE D 87 2.30 -12.04 -7.56
N ALA D 88 1.19 -11.31 -7.67
CA ALA D 88 0.56 -10.66 -6.52
C ALA D 88 0.28 -11.64 -5.39
N LEU D 89 -0.45 -12.71 -5.70
CA LEU D 89 -0.81 -13.70 -4.70
C LEU D 89 0.41 -14.33 -4.06
N GLY D 90 1.36 -14.75 -4.89
CA GLY D 90 2.60 -15.32 -4.41
C GLY D 90 3.40 -14.32 -3.58
N GLU D 91 3.21 -13.04 -3.89
CA GLU D 91 3.86 -11.98 -3.13
C GLU D 91 3.21 -11.81 -1.77
N ARG D 92 1.91 -12.08 -1.71
CA ARG D 92 1.17 -12.00 -0.46
C ARG D 92 1.54 -13.16 0.46
N ARG D 93 1.82 -14.32 -0.13
CA ARG D 93 2.16 -15.51 0.64
C ARG D 93 3.54 -15.39 1.27
N ALA D 94 4.47 -14.77 0.55
CA ALA D 94 5.79 -14.52 1.09
C ALA D 94 5.72 -13.45 2.17
N SER D 95 4.81 -12.49 1.99
CA SER D 95 4.61 -11.43 2.96
C SER D 95 4.05 -11.98 4.27
N ALA D 96 3.09 -12.90 4.17
CA ALA D 96 2.48 -13.51 5.34
C ALA D 96 3.53 -14.21 6.20
N VAL D 97 4.51 -14.82 5.53
CA VAL D 97 5.63 -15.43 6.21
C VAL D 97 6.54 -14.35 6.79
N LYS D 98 6.81 -13.32 5.98
CA LYS D 98 7.66 -12.21 6.40
C LYS D 98 7.04 -11.45 7.57
N TYR D 100 5.02 -12.73 9.69
CA TYR D 100 5.02 -13.65 10.82
C TYR D 100 6.33 -13.61 11.60
N LEU D 101 7.44 -13.72 10.90
CA LEU D 101 8.75 -13.75 11.54
C LEU D 101 9.06 -12.43 12.25
N GLN D 102 8.58 -11.33 11.68
CA GLN D 102 8.74 -10.01 12.29
C GLN D 102 7.94 -9.91 13.57
N GLY D 103 6.86 -10.68 13.64
CA GLY D 103 6.04 -10.75 14.84
C GLY D 103 6.73 -11.57 15.90
N LYS D 104 7.70 -12.37 15.47
CA LYS D 104 8.47 -13.19 16.40
C LYS D 104 9.83 -12.55 16.70
N GLY D 105 9.97 -11.29 16.30
CA GLY D 105 11.12 -10.50 16.68
C GLY D 105 12.30 -10.46 15.72
N VAL D 106 12.07 -10.89 14.48
CA VAL D 106 13.14 -10.89 13.49
C VAL D 106 13.19 -9.55 12.76
N SER D 107 14.41 -9.06 12.54
CA SER D 107 14.61 -7.79 11.84
C SER D 107 14.29 -7.92 10.35
N ALA D 108 13.79 -6.83 9.77
CA ALA D 108 13.39 -6.83 8.37
C ALA D 108 14.59 -6.88 7.44
N ASP D 109 15.79 -6.66 7.98
CA ASP D 109 17.01 -6.76 7.19
C ASP D 109 17.28 -8.22 6.86
N GLN D 110 17.03 -9.06 7.84
CA GLN D 110 17.19 -10.50 7.75
C GLN D 110 16.22 -11.13 6.77
N ILE D 111 15.08 -10.49 6.55
CA ILE D 111 13.99 -11.05 5.76
C ILE D 111 13.74 -10.29 4.46
N SER D 112 13.85 -11.00 3.35
CA SER D 112 13.47 -10.48 2.04
C SER D 112 12.51 -11.46 1.38
N ILE D 113 11.80 -11.00 0.35
CA ILE D 113 10.86 -11.88 -0.35
C ILE D 113 11.02 -11.78 -1.87
N VAL D 114 10.74 -12.90 -2.55
CA VAL D 114 10.71 -12.92 -4.01
C VAL D 114 9.53 -13.76 -4.52
N SER D 115 8.57 -13.11 -5.16
CA SER D 115 7.41 -13.82 -5.70
C SER D 115 7.73 -14.44 -7.05
N TYR D 116 7.29 -15.68 -7.26
CA TYR D 116 7.50 -16.36 -8.53
C TYR D 116 6.17 -16.68 -9.22
N GLY D 117 5.07 -16.54 -8.49
CA GLY D 117 3.76 -16.82 -9.03
C GLY D 117 3.62 -18.26 -9.48
N LYS D 118 2.93 -18.46 -10.60
CA LYS D 118 2.69 -19.78 -11.15
C LYS D 118 3.85 -20.21 -12.02
N GLU D 119 4.80 -19.30 -12.20
CA GLU D 119 5.94 -19.46 -13.08
C GLU D 119 7.04 -20.45 -12.63
N LYS D 120 7.02 -20.90 -11.39
CA LYS D 120 8.03 -21.84 -10.94
C LYS D 120 7.46 -23.02 -10.17
N PRO D 121 6.76 -23.90 -10.85
CA PRO D 121 6.05 -24.97 -10.15
C PRO D 121 6.99 -25.96 -9.47
N ALA D 122 6.59 -26.51 -8.33
CA ALA D 122 7.19 -27.71 -7.78
C ALA D 122 6.83 -29.00 -8.50
N VAL D 123 5.53 -29.18 -8.74
CA VAL D 123 5.02 -30.36 -9.41
C VAL D 123 4.35 -30.00 -10.72
N LEU D 124 4.78 -30.63 -11.81
CA LEU D 124 4.24 -30.37 -13.13
C LEU D 124 2.84 -30.95 -13.23
N GLY D 125 2.04 -30.37 -14.11
CA GLY D 125 0.68 -30.82 -14.29
C GLY D 125 -0.32 -29.75 -13.91
N HIS D 126 -1.59 -30.01 -14.15
CA HIS D 126 -2.64 -29.07 -13.80
C HIS D 126 -3.82 -29.72 -13.10
N ASP D 127 -3.59 -30.28 -11.91
CA ASP D 127 -4.65 -30.84 -11.09
C ASP D 127 -4.59 -30.32 -9.66
N GLU D 128 -5.72 -30.39 -8.97
CA GLU D 128 -5.79 -29.92 -7.58
C GLU D 128 -4.74 -30.60 -6.71
N ALA D 129 -4.53 -31.89 -6.95
CA ALA D 129 -3.52 -32.63 -6.24
C ALA D 129 -2.17 -32.08 -6.64
N ALA D 130 -1.98 -31.87 -7.94
CA ALA D 130 -0.78 -31.21 -8.44
C ALA D 130 -0.65 -29.80 -7.88
N PHE D 131 -1.69 -28.99 -8.07
CA PHE D 131 -1.63 -27.57 -7.76
C PHE D 131 -1.32 -27.33 -6.29
N ALA D 132 -1.83 -28.21 -5.43
CA ALA D 132 -1.70 -28.05 -3.99
C ALA D 132 -0.24 -28.00 -3.56
N LYS D 133 0.60 -28.79 -4.23
CA LYS D 133 2.03 -28.82 -3.95
C LYS D 133 2.75 -27.64 -4.57
N ASN D 134 1.99 -26.75 -5.19
CA ASN D 134 2.55 -25.57 -5.81
C ASN D 134 2.12 -24.23 -5.20
N ARG D 135 1.07 -24.23 -4.39
CA ARG D 135 0.69 -23.00 -3.70
C ARG D 135 1.38 -22.97 -2.36
N ARG D 136 2.50 -22.30 -2.33
CA ARG D 136 3.41 -22.47 -1.23
C ARG D 136 4.35 -21.31 -1.10
N ALA D 137 5.05 -21.29 0.01
CA ALA D 137 6.10 -20.31 0.26
C ALA D 137 7.37 -21.02 0.74
N VAL D 138 8.51 -20.64 0.20
CA VAL D 138 9.75 -21.34 0.48
C VAL D 138 10.76 -20.46 1.22
N LEU D 139 11.30 -21.00 2.31
CA LEU D 139 12.31 -20.30 3.10
C LEU D 139 13.72 -20.70 2.68
N VAL D 140 14.40 -19.83 1.96
CA VAL D 140 15.79 -20.06 1.59
C VAL D 140 16.66 -18.94 2.15
N TYR D 141 17.97 -19.10 2.04
CA TYR D 141 18.90 -18.15 2.60
C TYR D 141 19.89 -17.62 1.56
#